data_2GL8
#
_entry.id   2GL8
#
_cell.length_a   48.070
_cell.length_b   161.316
_cell.length_c   68.682
_cell.angle_alpha   90.00
_cell.angle_beta   109.50
_cell.angle_gamma   90.00
#
_symmetry.space_group_name_H-M   'P 1 21 1'
#
loop_
_entity.id
_entity.type
_entity.pdbx_description
1 polymer 'Retinoic acid receptor RXR-gamma'
2 water water
#
_entity_poly.entity_id   1
_entity_poly.type   'polypeptide(L)'
_entity_poly.pdbx_seq_one_letter_code
;GSHNATSGHEDMPVERILEAELAVEPKTESYGDMNMENSTNDPVTNICHAADKQLFTLVEWAKRIPHFSDLTLEDQVILL
RAGWNELLIASFSHRSVSVQDGILLATGLHVHRSSAHSAGVGSIFDRVLTELVSKMKDMQMDKSELGCLRAIVLFNPDAK
GLSNPSEVETLREKVYATLEAYTKQKYPEQPGRFAKLLLRLPALRSIGLKCLEHLFFFKLIGDTPIDTFLMEMLETPLQI
T
;
_entity_poly.pdbx_strand_id   A,B,C,D
#
# COMPACT_ATOMS: atom_id res chain seq x y z
N ASP A 11 30.63 16.55 23.57
CA ASP A 11 29.68 15.41 23.57
C ASP A 11 29.48 14.81 22.17
N MET A 12 29.22 15.66 21.18
CA MET A 12 28.98 15.20 19.81
C MET A 12 29.80 15.98 18.77
N PRO A 13 31.13 15.76 18.74
CA PRO A 13 32.06 16.52 17.87
C PRO A 13 31.84 16.23 16.39
N VAL A 14 31.79 17.27 15.56
CA VAL A 14 31.54 17.12 14.11
C VAL A 14 32.62 16.28 13.44
N GLU A 15 33.85 16.48 13.89
CA GLU A 15 35.01 15.75 13.42
C GLU A 15 34.80 14.25 13.50
N ARG A 16 34.21 13.77 14.60
CA ARG A 16 33.90 12.34 14.75
C ARG A 16 32.82 11.84 13.79
N ILE A 17 31.85 12.70 13.49
CA ILE A 17 30.79 12.37 12.56
C ILE A 17 31.34 12.30 11.12
N LEU A 18 32.23 13.24 10.79
CA LEU A 18 32.97 13.22 9.53
C LEU A 18 33.78 11.94 9.39
N GLU A 19 34.53 11.59 10.44
CA GLU A 19 35.32 10.35 10.45
C GLU A 19 34.45 9.12 10.18
N ALA A 20 33.26 9.04 10.79
CA ALA A 20 32.31 7.97 10.45
C ALA A 20 32.04 7.92 8.95
N GLU A 21 31.88 9.09 8.34
CA GLU A 21 31.59 9.19 6.92
C GLU A 21 32.80 8.81 6.07
N LEU A 22 33.96 9.34 6.42
CA LEU A 22 35.19 9.07 5.68
C LEU A 22 35.61 7.61 5.80
N ALA A 23 35.29 6.97 6.93
CA ALA A 23 35.75 5.63 7.20
C ALA A 23 35.04 4.57 6.36
N VAL A 24 33.82 4.89 5.91
CA VAL A 24 33.02 3.95 5.12
C VAL A 24 33.05 4.20 3.60
N GLU A 25 33.70 5.27 3.16
CA GLU A 25 33.95 5.49 1.73
C GLU A 25 34.64 4.28 1.10
N ALA A 50 23.15 -12.66 -9.24
CA ALA A 50 24.38 -11.96 -8.89
C ALA A 50 24.13 -10.75 -7.98
N ALA A 51 24.85 -10.70 -6.86
CA ALA A 51 24.75 -9.56 -5.93
C ALA A 51 24.00 -9.86 -4.63
N ASP A 52 24.71 -9.79 -3.50
CA ASP A 52 24.10 -9.97 -2.17
C ASP A 52 24.97 -9.40 -1.03
N LYS A 53 24.32 -9.04 0.08
CA LYS A 53 24.98 -8.60 1.32
C LYS A 53 25.47 -7.16 1.36
N GLN A 54 26.67 -7.01 1.94
CA GLN A 54 27.61 -5.87 1.80
C GLN A 54 27.34 -4.55 2.50
N LEU A 55 26.07 -4.20 2.71
CA LEU A 55 25.74 -3.04 3.53
C LEU A 55 26.04 -3.27 5.02
N PHE A 56 27.20 -3.91 5.24
CA PHE A 56 27.93 -3.96 6.52
C PHE A 56 28.65 -2.63 6.78
N THR A 57 28.57 -1.71 5.81
CA THR A 57 29.10 -0.37 5.97
C THR A 57 28.17 0.49 6.84
N LEU A 58 26.91 0.09 6.95
CA LEU A 58 25.96 0.81 7.80
C LEU A 58 26.21 0.57 9.30
N VAL A 59 26.59 -0.67 9.63
CA VAL A 59 26.96 -1.05 10.99
C VAL A 59 28.31 -0.39 11.35
N GLU A 60 29.32 -0.52 10.47
CA GLU A 60 30.62 0.17 10.64
C GLU A 60 30.42 1.67 10.88
N TRP A 61 29.67 2.32 9.98
CA TRP A 61 29.28 3.72 10.13
C TRP A 61 28.60 4.09 11.45
N ALA A 62 27.53 3.39 11.81
CA ALA A 62 26.80 3.63 13.08
C ALA A 62 27.66 3.42 14.34
N LYS A 63 28.56 2.43 14.32
CA LYS A 63 29.42 2.24 15.46
C LYS A 63 30.35 3.42 15.65
N ARG A 64 30.71 4.09 14.55
CA ARG A 64 31.62 5.22 14.65
C ARG A 64 30.94 6.54 14.99
N ILE A 65 29.61 6.55 15.15
CA ILE A 65 28.92 7.79 15.56
C ILE A 65 28.97 7.84 17.08
N PRO A 66 29.46 8.95 17.67
CA PRO A 66 29.57 9.04 19.12
C PRO A 66 28.31 8.56 19.84
N HIS A 67 28.50 7.79 20.92
CA HIS A 67 27.44 7.35 21.87
C HIS A 67 26.42 6.34 21.35
N PHE A 68 26.39 6.12 20.05
CA PHE A 68 25.48 5.11 19.48
C PHE A 68 25.78 3.72 20.04
N SER A 69 27.06 3.42 20.23
CA SER A 69 27.46 2.11 20.75
C SER A 69 27.21 1.96 22.24
N ASP A 70 26.88 3.06 22.90
CA ASP A 70 26.61 3.06 24.34
C ASP A 70 25.13 2.85 24.59
N LEU A 71 24.36 2.70 23.52
CA LEU A 71 22.97 2.33 23.62
C LEU A 71 22.90 0.82 23.80
N THR A 72 21.82 0.38 24.44
CA THR A 72 21.40 -1.00 24.48
C THR A 72 21.47 -1.69 23.11
N LEU A 73 21.93 -2.93 23.07
CA LEU A 73 22.08 -3.69 21.81
C LEU A 73 20.75 -3.84 21.05
N GLU A 74 19.67 -4.02 21.81
CA GLU A 74 18.33 -4.09 21.28
C GLU A 74 17.92 -2.79 20.56
N ASP A 75 18.18 -1.63 21.19
CA ASP A 75 17.94 -0.30 20.59
C ASP A 75 18.83 0.02 19.40
N GLN A 76 20.11 -0.34 19.48
CA GLN A 76 21.00 -0.24 18.34
C GLN A 76 20.41 -0.96 17.13
N VAL A 77 19.92 -2.18 17.35
CA VAL A 77 19.23 -2.96 16.30
C VAL A 77 17.92 -2.28 15.83
N ILE A 78 17.09 -1.85 16.77
CA ILE A 78 15.86 -1.15 16.46
C ILE A 78 16.14 0.06 15.56
N LEU A 79 17.08 0.91 15.96
CA LEU A 79 17.45 2.12 15.21
C LEU A 79 18.02 1.85 13.83
N LEU A 80 18.83 0.79 13.72
CA LEU A 80 19.36 0.40 12.41
C LEU A 80 18.27 -0.12 11.47
N ARG A 81 17.31 -0.86 12.01
CA ARG A 81 16.24 -1.44 11.22
C ARG A 81 15.20 -0.42 10.79
N ALA A 82 15.00 0.61 11.62
CA ALA A 82 14.02 1.62 11.36
C ALA A 82 14.59 2.65 10.38
N GLY A 83 15.91 2.69 10.30
CA GLY A 83 16.58 3.74 9.55
C GLY A 83 17.31 3.32 8.31
N TRP A 84 17.66 2.03 8.18
CA TRP A 84 18.52 1.60 7.07
C TRP A 84 18.10 2.18 5.71
N ASN A 85 16.81 2.26 5.47
CA ASN A 85 16.31 2.70 4.19
C ASN A 85 16.62 4.19 3.93
N GLU A 86 16.27 5.08 4.85
CA GLU A 86 16.61 6.52 4.73
C GLU A 86 18.12 6.75 4.67
N LEU A 87 18.86 5.94 5.42
CA LEU A 87 20.31 6.09 5.55
C LEU A 87 21.02 5.73 4.28
N LEU A 88 20.50 4.71 3.59
CA LEU A 88 21.10 4.31 2.33
C LEU A 88 20.76 5.28 1.20
N ILE A 89 19.54 5.79 1.21
CA ILE A 89 19.12 6.79 0.24
C ILE A 89 19.90 8.11 0.39
N ALA A 90 20.02 8.62 1.62
CA ALA A 90 20.76 9.86 1.90
C ALA A 90 22.18 9.70 1.36
N SER A 91 22.72 8.52 1.63
CA SER A 91 24.05 8.13 1.23
C SER A 91 24.27 8.08 -0.29
N PHE A 92 23.48 7.29 -1.02
CA PHE A 92 23.69 7.23 -2.45
C PHE A 92 23.24 8.50 -3.21
N SER A 93 22.35 9.29 -2.62
CA SER A 93 21.99 10.62 -3.20
C SER A 93 23.22 11.51 -3.17
N HIS A 94 23.89 11.56 -2.02
CA HIS A 94 25.07 12.41 -1.87
C HIS A 94 26.25 11.98 -2.74
N ARG A 95 26.47 10.68 -2.81
CA ARG A 95 27.42 10.10 -3.76
C ARG A 95 27.10 10.47 -5.23
N SER A 96 25.82 10.68 -5.56
CA SER A 96 25.38 10.91 -6.95
C SER A 96 25.44 12.38 -7.38
N VAL A 97 25.93 13.25 -6.51
CA VAL A 97 26.01 14.68 -6.77
C VAL A 97 26.89 15.09 -8.01
N SER A 98 27.99 14.37 -8.23
CA SER A 98 28.88 14.63 -9.37
C SER A 98 28.29 14.33 -10.77
N VAL A 99 27.67 13.16 -10.91
CA VAL A 99 27.35 12.55 -12.23
C VAL A 99 26.09 13.05 -12.96
N GLN A 100 26.18 13.05 -14.29
CA GLN A 100 25.08 13.38 -15.22
C GLN A 100 23.70 13.62 -14.63
N ASP A 101 22.75 12.72 -14.93
CA ASP A 101 21.45 12.72 -14.21
C ASP A 101 20.95 11.31 -13.81
N GLY A 102 21.78 10.66 -12.98
CA GLY A 102 21.51 9.35 -12.41
C GLY A 102 21.98 9.13 -10.97
N ILE A 103 22.13 7.86 -10.64
CA ILE A 103 22.38 7.43 -9.27
C ILE A 103 23.59 6.53 -9.24
N LEU A 104 24.52 6.80 -8.32
CA LEU A 104 25.71 5.96 -8.14
C LEU A 104 25.62 5.15 -6.84
N LEU A 105 25.68 3.83 -6.97
CA LEU A 105 25.68 2.90 -5.81
C LEU A 105 27.10 2.45 -5.49
N ALA A 106 27.45 2.43 -4.20
CA ALA A 106 28.84 2.27 -3.72
C ALA A 106 29.54 0.95 -4.12
N THR A 107 28.98 0.27 -5.11
CA THR A 107 29.66 -0.83 -5.76
C THR A 107 29.89 -0.45 -7.23
N GLY A 108 29.94 0.86 -7.47
CA GLY A 108 30.19 1.39 -8.80
C GLY A 108 29.07 1.16 -9.81
N LEU A 109 27.93 0.67 -9.33
CA LEU A 109 26.75 0.49 -10.18
C LEU A 109 26.07 1.84 -10.38
N HIS A 110 25.91 2.20 -11.64
CA HIS A 110 25.48 3.53 -12.00
C HIS A 110 24.25 3.46 -12.91
N VAL A 111 23.14 3.98 -12.41
CA VAL A 111 21.83 3.86 -13.04
C VAL A 111 21.33 5.22 -13.51
N HIS A 112 21.05 5.36 -14.80
CA HIS A 112 20.55 6.61 -15.38
C HIS A 112 19.01 6.68 -15.34
N ARG A 113 18.49 7.90 -15.48
CA ARG A 113 17.02 8.20 -15.47
C ARG A 113 16.21 7.26 -16.34
N SER A 114 16.75 6.96 -17.53
CA SER A 114 16.07 6.18 -18.56
C SER A 114 15.80 4.72 -18.17
N SER A 115 16.72 4.10 -17.43
CA SER A 115 16.60 2.71 -17.01
C SER A 115 15.64 2.53 -15.85
N ALA A 116 15.52 3.56 -15.02
CA ALA A 116 14.58 3.57 -13.91
C ALA A 116 13.15 3.66 -14.42
N HIS A 117 12.93 4.59 -15.34
CA HIS A 117 11.63 4.79 -15.99
C HIS A 117 11.15 3.55 -16.75
N SER A 118 12.07 2.95 -17.51
CA SER A 118 11.82 1.67 -18.17
C SER A 118 11.44 0.55 -17.19
N ALA A 119 12.08 0.53 -16.02
CA ALA A 119 11.77 -0.43 -14.96
C ALA A 119 10.45 -0.17 -14.21
N GLY A 120 9.80 0.96 -14.50
CA GLY A 120 8.55 1.33 -13.85
C GLY A 120 8.73 1.94 -12.46
N VAL A 121 9.96 2.33 -12.13
CA VAL A 121 10.24 3.07 -10.89
C VAL A 121 10.70 4.50 -11.18
N GLY A 122 10.39 4.97 -12.39
CA GLY A 122 10.78 6.29 -12.83
C GLY A 122 10.27 7.43 -12.00
N SER A 123 9.07 7.27 -11.47
CA SER A 123 8.43 8.26 -10.60
C SER A 123 9.30 8.50 -9.35
N ILE A 124 9.70 7.42 -8.70
CA ILE A 124 10.42 7.54 -7.43
C ILE A 124 11.89 7.96 -7.63
N PHE A 125 12.53 7.37 -8.64
CA PHE A 125 13.84 7.77 -9.10
C PHE A 125 13.93 9.28 -9.41
N ASP A 126 12.87 9.86 -9.98
CA ASP A 126 12.87 11.29 -10.29
C ASP A 126 12.69 12.13 -9.04
N ARG A 127 11.98 11.59 -8.05
CA ARG A 127 11.88 12.28 -6.77
C ARG A 127 13.24 12.31 -6.09
N VAL A 128 13.98 11.21 -6.17
CA VAL A 128 15.35 11.11 -5.65
C VAL A 128 16.22 12.20 -6.28
N LEU A 129 16.30 12.22 -7.60
CA LEU A 129 17.04 13.25 -8.35
C LEU A 129 16.60 14.68 -8.07
N THR A 130 15.31 14.95 -8.05
CA THR A 130 14.86 16.35 -7.89
C THR A 130 14.81 16.81 -6.44
N GLU A 131 14.27 15.95 -5.57
CA GLU A 131 14.12 16.31 -4.16
C GLU A 131 15.42 16.13 -3.35
N LEU A 132 16.30 15.23 -3.76
CA LEU A 132 17.53 15.00 -2.96
C LEU A 132 18.82 15.41 -3.68
N VAL A 133 19.19 14.66 -4.70
CA VAL A 133 20.44 14.88 -5.43
C VAL A 133 20.65 16.32 -5.93
N SER A 134 19.66 16.83 -6.66
CA SER A 134 19.77 18.18 -7.21
C SER A 134 19.76 19.27 -6.14
N LYS A 135 19.17 18.99 -4.98
CA LYS A 135 19.19 19.94 -3.87
C LYS A 135 20.49 19.86 -3.07
N MET A 136 21.07 18.67 -2.98
CA MET A 136 22.40 18.51 -2.35
C MET A 136 23.50 19.21 -3.17
N LYS A 137 23.43 19.04 -4.49
CA LYS A 137 24.35 19.68 -5.44
C LYS A 137 24.30 21.20 -5.38
N ASP A 138 23.09 21.74 -5.53
CA ASP A 138 22.87 23.17 -5.57
C ASP A 138 23.37 23.92 -4.34
N MET A 139 23.19 23.34 -3.15
CA MET A 139 23.63 23.97 -1.91
C MET A 139 25.05 23.53 -1.50
N GLN A 140 25.61 22.60 -2.29
CA GLN A 140 26.91 22.02 -2.03
C GLN A 140 26.98 21.41 -0.63
N MET A 141 26.00 20.57 -0.30
CA MET A 141 25.98 19.88 0.98
C MET A 141 27.28 19.09 1.11
N ASP A 142 27.93 19.19 2.26
CA ASP A 142 29.24 18.57 2.42
C ASP A 142 29.12 17.27 3.22
N LYS A 143 30.23 16.54 3.35
CA LYS A 143 30.19 15.27 4.06
C LYS A 143 29.84 15.37 5.56
N SER A 144 30.29 16.42 6.22
CA SER A 144 29.92 16.65 7.64
C SER A 144 28.46 16.94 7.84
N GLU A 145 27.85 17.59 6.85
CA GLU A 145 26.43 17.92 6.89
C GLU A 145 25.63 16.65 6.62
N LEU A 146 26.06 15.88 5.63
CA LEU A 146 25.50 14.59 5.34
C LEU A 146 25.51 13.67 6.56
N GLY A 147 26.68 13.50 7.19
CA GLY A 147 26.80 12.65 8.39
C GLY A 147 25.91 13.06 9.56
N CYS A 148 25.80 14.36 9.79
CA CYS A 148 24.90 14.88 10.81
C CYS A 148 23.45 14.62 10.42
N LEU A 149 23.11 14.72 9.13
CA LEU A 149 21.71 14.48 8.76
C LEU A 149 21.38 13.01 8.95
N ARG A 150 22.32 12.17 8.58
CA ARG A 150 22.17 10.73 8.72
C ARG A 150 22.15 10.32 10.18
N ALA A 151 22.99 10.96 11.01
CA ALA A 151 22.95 10.79 12.47
C ALA A 151 21.62 11.16 13.12
N ILE A 152 21.05 12.29 12.70
CA ILE A 152 19.67 12.71 13.09
C ILE A 152 18.61 11.64 12.72
N VAL A 153 18.71 11.12 11.49
CA VAL A 153 17.85 10.01 11.03
C VAL A 153 18.08 8.72 11.85
N LEU A 154 19.34 8.45 12.16
CA LEU A 154 19.73 7.30 13.00
C LEU A 154 19.07 7.40 14.39
N PHE A 155 19.27 8.54 15.04
CA PHE A 155 18.82 8.76 16.39
C PHE A 155 17.36 9.15 16.36
N ASN A 156 16.49 8.18 16.05
CA ASN A 156 15.03 8.42 15.90
C ASN A 156 14.17 8.03 17.12
N PRO A 157 13.77 9.02 17.97
CA PRO A 157 13.06 8.76 19.24
C PRO A 157 11.61 8.31 19.03
N ASP A 158 11.17 8.28 17.77
CA ASP A 158 9.82 7.84 17.41
C ASP A 158 9.81 6.38 16.95
N ALA A 159 10.96 5.74 16.92
CA ALA A 159 11.05 4.33 16.48
C ALA A 159 10.34 3.44 17.47
N LYS A 160 9.50 2.55 16.97
CA LYS A 160 8.69 1.70 17.84
C LYS A 160 9.54 0.58 18.47
N GLY A 161 9.43 0.44 19.79
CA GLY A 161 10.10 -0.62 20.50
C GLY A 161 11.17 -0.14 21.45
N LEU A 162 11.51 1.15 21.41
CA LEU A 162 12.61 1.67 22.21
C LEU A 162 12.32 1.60 23.70
N SER A 163 13.31 1.12 24.46
CA SER A 163 13.26 1.16 25.93
C SER A 163 13.32 2.59 26.46
N ASN A 164 14.23 3.40 25.90
CA ASN A 164 14.29 4.82 26.23
C ASN A 164 14.43 5.75 25.02
N PRO A 165 13.29 6.12 24.42
CA PRO A 165 13.17 7.23 23.49
C PRO A 165 13.94 8.47 23.97
N SER A 166 13.78 8.87 25.24
CA SER A 166 14.40 10.11 25.77
C SER A 166 15.91 10.24 25.52
N GLU A 167 16.60 9.11 25.56
CA GLU A 167 18.05 9.08 25.38
C GLU A 167 18.40 9.25 23.92
N VAL A 168 17.63 8.58 23.06
CA VAL A 168 17.79 8.71 21.63
C VAL A 168 17.50 10.16 21.26
N GLU A 169 16.53 10.73 21.98
CA GLU A 169 16.09 12.09 21.81
C GLU A 169 17.18 13.11 22.18
N THR A 170 17.81 12.92 23.34
CA THR A 170 18.95 13.75 23.78
C THR A 170 20.11 13.71 22.79
N LEU A 171 20.43 12.52 22.30
CA LEU A 171 21.46 12.32 21.26
C LEU A 171 21.11 13.02 19.93
N ARG A 172 19.83 13.01 19.58
CA ARG A 172 19.35 13.77 18.42
C ARG A 172 19.55 15.29 18.60
N GLU A 173 19.15 15.79 19.77
CA GLU A 173 19.40 17.17 20.15
C GLU A 173 20.89 17.57 20.07
N LYS A 174 21.77 16.65 20.49
CA LYS A 174 23.23 16.85 20.40
C LYS A 174 23.74 16.96 18.95
N VAL A 175 23.27 16.07 18.08
CA VAL A 175 23.68 16.10 16.68
C VAL A 175 23.23 17.37 16.01
N TYR A 176 22.00 17.80 16.22
CA TYR A 176 21.54 18.97 15.50
C TYR A 176 22.08 20.33 16.03
N ALA A 177 22.28 20.45 17.34
CA ALA A 177 23.10 21.53 17.92
C ALA A 177 24.49 21.61 17.26
N THR A 178 25.14 20.46 17.07
CA THR A 178 26.46 20.39 16.39
C THR A 178 26.39 20.79 14.91
N LEU A 179 25.33 20.36 14.22
CA LEU A 179 25.10 20.73 12.84
C LEU A 179 24.89 22.24 12.66
N GLU A 180 24.01 22.81 13.46
CA GLU A 180 23.78 24.24 13.49
C GLU A 180 25.03 25.08 13.73
N ALA A 181 25.82 24.70 14.72
CA ALA A 181 27.05 25.42 15.02
C ALA A 181 27.99 25.31 13.83
N TYR A 182 28.13 24.11 13.25
CA TYR A 182 29.06 23.89 12.13
C TYR A 182 28.69 24.75 10.90
N THR A 183 27.41 25.00 10.78
CA THR A 183 26.78 25.59 9.63
C THR A 183 26.97 27.13 9.72
N LYS A 184 26.89 27.64 10.94
CA LYS A 184 27.18 29.04 11.23
C LYS A 184 28.69 29.33 11.17
N GLN A 185 29.50 28.34 11.49
CA GLN A 185 30.96 28.48 11.47
C GLN A 185 31.51 28.47 10.03
N LYS A 186 30.90 27.69 9.14
CA LYS A 186 31.44 27.46 7.79
C LYS A 186 30.66 28.16 6.68
N TYR A 187 29.38 28.40 6.89
CA TYR A 187 28.60 29.12 5.90
C TYR A 187 27.90 30.30 6.59
N PRO A 188 28.69 31.29 7.08
CA PRO A 188 28.02 32.36 7.81
C PRO A 188 27.18 33.24 6.87
N GLU A 189 27.51 33.24 5.59
CA GLU A 189 26.73 33.98 4.58
C GLU A 189 25.32 33.40 4.25
N GLN A 190 25.05 32.15 4.65
CA GLN A 190 23.74 31.50 4.41
C GLN A 190 23.00 31.23 5.75
N PRO A 191 22.35 32.25 6.32
CA PRO A 191 21.80 32.09 7.69
C PRO A 191 20.69 31.01 7.82
N GLY A 192 20.07 30.66 6.71
CA GLY A 192 18.99 29.66 6.68
C GLY A 192 19.41 28.29 6.18
N ARG A 193 20.71 28.04 6.10
CA ARG A 193 21.23 26.75 5.67
C ARG A 193 20.85 25.59 6.62
N PHE A 194 20.85 25.86 7.93
CA PHE A 194 20.47 24.87 8.93
C PHE A 194 19.06 24.35 8.73
N ALA A 195 18.09 25.25 8.66
CA ALA A 195 16.70 24.93 8.39
C ALA A 195 16.50 24.18 7.07
N LYS A 196 17.19 24.62 6.02
CA LYS A 196 17.13 24.06 4.67
C LYS A 196 17.63 22.62 4.65
N LEU A 197 18.63 22.33 5.47
CA LEU A 197 19.12 20.96 5.65
C LEU A 197 18.09 20.10 6.37
N LEU A 198 17.56 20.59 7.49
CA LEU A 198 16.47 19.92 8.22
C LEU A 198 15.19 19.75 7.39
N LEU A 199 14.98 20.60 6.40
CA LEU A 199 13.80 20.50 5.53
C LEU A 199 13.95 19.53 4.37
N ARG A 200 15.11 18.88 4.26
CA ARG A 200 15.25 17.75 3.36
C ARG A 200 14.74 16.44 3.96
N LEU A 201 14.54 16.44 5.28
CA LEU A 201 14.15 15.23 6.02
C LEU A 201 12.73 14.73 5.76
N PRO A 202 11.72 15.63 5.65
CA PRO A 202 10.40 15.16 5.23
C PRO A 202 10.39 14.42 3.89
N ALA A 203 11.03 15.02 2.89
CA ALA A 203 11.26 14.44 1.57
C ALA A 203 11.96 13.07 1.61
N LEU A 204 13.01 12.95 2.41
CA LEU A 204 13.74 11.70 2.62
C LEU A 204 12.84 10.64 3.25
N ARG A 205 12.05 11.04 4.25
CA ARG A 205 11.11 10.12 4.85
C ARG A 205 10.06 9.66 3.82
N SER A 206 9.53 10.60 3.07
CA SER A 206 8.54 10.31 2.04
C SER A 206 9.11 9.40 0.95
N ILE A 207 10.35 9.66 0.53
CA ILE A 207 10.97 8.87 -0.52
C ILE A 207 11.35 7.48 -0.03
N GLY A 208 11.71 7.38 1.24
CA GLY A 208 11.99 6.10 1.90
C GLY A 208 10.80 5.15 1.98
N LEU A 209 9.64 5.68 2.38
CA LEU A 209 8.40 4.94 2.34
C LEU A 209 8.03 4.54 0.93
N LYS A 210 8.15 5.48 -0.01
CA LYS A 210 7.73 5.23 -1.39
C LYS A 210 8.58 4.14 -2.00
N CYS A 211 9.86 4.11 -1.61
CA CYS A 211 10.78 3.03 -2.02
C CYS A 211 10.43 1.65 -1.47
N LEU A 212 9.83 1.57 -0.28
CA LEU A 212 9.45 0.25 0.25
C LEU A 212 8.39 -0.44 -0.64
N GLU A 213 7.69 0.34 -1.47
CA GLU A 213 7.02 -0.21 -2.67
C GLU A 213 8.00 -0.56 -3.81
N HIS A 214 9.21 -0.99 -3.41
CA HIS A 214 10.26 -1.61 -4.26
C HIS A 214 11.18 -0.76 -5.14
N LEU A 215 12.47 -0.74 -4.78
CA LEU A 215 13.61 -0.62 -5.71
C LEU A 215 14.86 -1.22 -5.06
N PHE A 216 15.88 -1.58 -5.84
CA PHE A 216 16.92 -2.50 -5.34
C PHE A 216 18.32 -2.33 -5.96
N PHE A 217 18.79 -3.37 -6.65
CA PHE A 217 20.01 -3.32 -7.47
C PHE A 217 19.62 -3.42 -8.94
N PHE A 218 18.55 -4.18 -9.17
CA PHE A 218 17.78 -4.25 -10.43
C PHE A 218 17.89 -5.55 -11.22
N LYS A 219 16.92 -6.44 -10.96
CA LYS A 219 16.81 -7.72 -11.64
C LYS A 219 15.66 -7.68 -12.65
N LEU A 220 15.73 -8.31 -13.82
CA LEU A 220 16.89 -9.00 -14.50
C LEU A 220 16.40 -10.19 -15.33
N ILE A 221 15.67 -11.10 -14.68
CA ILE A 221 14.94 -12.19 -15.34
C ILE A 221 15.70 -13.22 -16.18
N GLY A 222 17.00 -13.38 -15.94
CA GLY A 222 17.79 -14.48 -16.53
C GLY A 222 17.42 -15.83 -15.93
N ASP A 223 16.11 -16.15 -15.97
CA ASP A 223 15.49 -17.38 -15.42
C ASP A 223 15.79 -18.63 -16.26
N THR A 224 17.06 -19.12 -16.19
CA THR A 224 17.64 -20.25 -17.03
C THR A 224 17.37 -20.03 -18.55
N ASP B 11 8.04 41.33 5.27
CA ASP B 11 7.41 40.65 4.10
C ASP B 11 6.59 39.41 4.49
N MET B 12 6.95 38.78 5.61
CA MET B 12 6.18 37.65 6.16
C MET B 12 5.97 37.75 7.69
N PRO B 13 5.08 38.65 8.15
CA PRO B 13 4.92 38.89 9.59
C PRO B 13 4.21 37.75 10.34
N VAL B 14 4.71 37.45 11.55
CA VAL B 14 4.15 36.38 12.40
C VAL B 14 2.71 36.68 12.75
N GLU B 15 2.38 37.97 12.79
CA GLU B 15 1.09 38.45 13.25
C GLU B 15 0.02 38.14 12.20
N ARG B 16 0.42 38.15 10.94
CA ARG B 16 -0.45 37.75 9.84
C ARG B 16 -0.78 36.25 9.89
N ILE B 17 0.25 35.45 10.13
CA ILE B 17 0.17 34.00 10.24
C ILE B 17 -0.65 33.59 11.48
N LEU B 18 -0.45 34.29 12.60
CA LEU B 18 -1.25 34.10 13.80
C LEU B 18 -2.73 34.42 13.53
N GLU B 19 -2.97 35.50 12.78
CA GLU B 19 -4.33 35.94 12.42
C GLU B 19 -5.06 34.96 11.48
N ALA B 20 -4.29 34.20 10.69
CA ALA B 20 -4.86 33.16 9.82
C ALA B 20 -5.36 31.98 10.64
N GLU B 21 -4.61 31.61 11.68
CA GLU B 21 -5.00 30.51 12.58
C GLU B 21 -6.25 30.83 13.41
N LEU B 22 -6.37 32.08 13.84
CA LEU B 22 -7.45 32.52 14.72
C LEU B 22 -8.76 32.72 13.96
N ALA B 23 -8.66 33.28 12.75
CA ALA B 23 -9.83 33.52 11.90
C ALA B 23 -10.69 32.27 11.76
N VAL B 24 -10.01 31.14 11.54
CA VAL B 24 -10.65 29.86 11.22
C VAL B 24 -10.91 29.02 12.48
N GLU B 25 -10.59 29.58 13.64
CA GLU B 25 -10.83 28.91 14.93
C GLU B 25 -12.25 29.17 15.42
N ALA B 50 -20.66 12.54 3.72
CA ALA B 50 -21.31 13.82 4.03
C ALA B 50 -20.80 14.40 5.36
N ALA B 51 -20.31 15.62 5.32
CA ALA B 51 -20.38 16.45 4.12
C ALA B 51 -20.47 17.90 4.54
N ASP B 52 -19.38 18.62 4.28
CA ASP B 52 -18.30 18.03 3.49
C ASP B 52 -16.89 18.32 3.99
N LYS B 53 -16.34 19.46 3.59
CA LYS B 53 -17.10 20.55 2.94
C LYS B 53 -16.45 21.83 3.44
N GLN B 54 -16.44 21.99 4.76
CA GLN B 54 -15.34 22.68 5.46
C GLN B 54 -14.00 21.93 5.18
N LEU B 55 -13.00 22.70 4.77
CA LEU B 55 -12.05 22.41 3.69
C LEU B 55 -12.14 23.76 2.94
N PHE B 56 -13.34 24.35 2.96
CA PHE B 56 -13.53 25.78 2.75
C PHE B 56 -12.75 26.56 3.82
N THR B 57 -12.65 25.97 5.02
CA THR B 57 -11.94 26.62 6.12
C THR B 57 -10.41 26.49 6.00
N LEU B 58 -9.94 25.64 5.09
CA LEU B 58 -8.55 25.55 4.71
C LEU B 58 -8.21 26.60 3.67
N VAL B 59 -9.11 26.76 2.70
CA VAL B 59 -8.98 27.78 1.67
C VAL B 59 -9.01 29.17 2.31
N GLU B 60 -9.93 29.39 3.25
CA GLU B 60 -10.00 30.65 3.99
C GLU B 60 -8.76 30.89 4.85
N TRP B 61 -8.13 29.81 5.32
CA TRP B 61 -6.87 29.88 6.05
C TRP B 61 -5.72 30.29 5.11
N ALA B 62 -5.56 29.55 4.02
CA ALA B 62 -4.50 29.78 3.03
C ALA B 62 -4.53 31.19 2.45
N LYS B 63 -5.73 31.68 2.19
CA LYS B 63 -5.93 33.01 1.63
C LYS B 63 -5.42 34.14 2.54
N ARG B 64 -5.28 33.85 3.84
CA ARG B 64 -4.87 34.83 4.81
C ARG B 64 -3.39 34.73 5.14
N ILE B 65 -2.73 33.74 4.53
CA ILE B 65 -1.28 33.60 4.62
C ILE B 65 -0.63 34.54 3.61
N PRO B 66 0.22 35.48 4.07
CA PRO B 66 0.78 36.47 3.15
C PRO B 66 1.28 35.84 1.85
N HIS B 67 0.98 36.49 0.72
CA HIS B 67 1.57 36.15 -0.59
C HIS B 67 1.05 34.88 -1.25
N PHE B 68 0.30 34.06 -0.51
CA PHE B 68 -0.30 32.86 -1.09
C PHE B 68 -1.25 33.22 -2.22
N SER B 69 -2.10 34.23 -1.98
CA SER B 69 -3.10 34.70 -2.95
C SER B 69 -2.54 35.37 -4.22
N ASP B 70 -1.29 35.83 -4.20
CA ASP B 70 -0.73 36.35 -5.46
C ASP B 70 0.17 35.34 -6.17
N LEU B 71 0.04 34.08 -5.78
CA LEU B 71 0.50 32.96 -6.59
C LEU B 71 -0.56 32.72 -7.66
N THR B 72 -0.16 32.15 -8.79
CA THR B 72 -1.14 31.77 -9.80
C THR B 72 -2.22 30.86 -9.22
N LEU B 73 -3.43 30.94 -9.78
CA LEU B 73 -4.54 30.10 -9.32
C LEU B 73 -4.22 28.60 -9.44
N GLU B 74 -3.55 28.21 -10.52
CA GLU B 74 -3.15 26.82 -10.74
C GLU B 74 -2.26 26.27 -9.62
N ASP B 75 -1.26 27.04 -9.23
CA ASP B 75 -0.29 26.60 -8.24
C ASP B 75 -0.84 26.68 -6.81
N GLN B 76 -1.84 27.53 -6.59
CA GLN B 76 -2.60 27.53 -5.33
C GLN B 76 -3.36 26.19 -5.12
N VAL B 77 -4.13 25.78 -6.12
CA VAL B 77 -4.79 24.47 -6.16
C VAL B 77 -3.78 23.34 -5.88
N ILE B 78 -2.64 23.40 -6.57
CA ILE B 78 -1.56 22.44 -6.41
C ILE B 78 -1.09 22.37 -4.94
N LEU B 79 -0.76 23.51 -4.36
CA LEU B 79 -0.30 23.59 -2.98
C LEU B 79 -1.37 23.16 -1.95
N LEU B 80 -2.64 23.39 -2.27
CA LEU B 80 -3.72 22.95 -1.40
C LEU B 80 -3.98 21.45 -1.53
N ARG B 81 -3.97 20.93 -2.75
CA ARG B 81 -4.18 19.51 -2.94
C ARG B 81 -3.02 18.68 -2.43
N ALA B 82 -1.80 19.18 -2.62
CA ALA B 82 -0.63 18.49 -2.13
C ALA B 82 -0.54 18.50 -0.60
N GLY B 83 -1.08 19.54 0.04
CA GLY B 83 -0.90 19.72 1.47
C GLY B 83 -2.08 19.47 2.37
N TRP B 84 -3.29 19.35 1.81
CA TRP B 84 -4.51 19.33 2.63
C TRP B 84 -4.42 18.31 3.76
N ASN B 85 -3.85 17.15 3.47
CA ASN B 85 -3.83 16.05 4.41
C ASN B 85 -2.96 16.32 5.63
N GLU B 86 -1.72 16.78 5.42
CA GLU B 86 -0.82 17.14 6.53
C GLU B 86 -1.28 18.40 7.28
N LEU B 87 -1.98 19.28 6.56
CA LEU B 87 -2.50 20.53 7.13
C LEU B 87 -3.64 20.24 8.07
N LEU B 88 -4.48 19.28 7.71
CA LEU B 88 -5.57 18.85 8.58
C LEU B 88 -5.05 18.13 9.81
N ILE B 89 -4.09 17.22 9.61
CA ILE B 89 -3.52 16.45 10.70
C ILE B 89 -2.85 17.38 11.71
N ALA B 90 -2.04 18.32 11.22
CA ALA B 90 -1.37 19.26 12.12
C ALA B 90 -2.42 19.99 12.96
N SER B 91 -3.48 20.41 12.27
CA SER B 91 -4.52 21.23 12.84
C SER B 91 -5.31 20.51 13.94
N PHE B 92 -5.76 19.29 13.65
CA PHE B 92 -6.54 18.57 14.66
C PHE B 92 -5.69 17.99 15.78
N SER B 93 -4.43 17.70 15.47
CA SER B 93 -3.43 17.33 16.48
C SER B 93 -3.16 18.44 17.49
N HIS B 94 -3.11 19.69 17.03
CA HIS B 94 -2.95 20.81 17.94
C HIS B 94 -4.20 21.10 18.77
N ARG B 95 -5.38 20.87 18.19
CA ARG B 95 -6.63 21.03 18.93
C ARG B 95 -6.75 19.92 19.98
N SER B 96 -6.20 18.75 19.68
CA SER B 96 -6.20 17.63 20.63
C SER B 96 -5.21 17.81 21.81
N VAL B 97 -4.40 18.87 21.76
CA VAL B 97 -3.51 19.21 22.87
C VAL B 97 -4.33 19.54 24.14
N SER B 98 -5.55 20.05 23.95
CA SER B 98 -6.40 20.49 25.05
C SER B 98 -7.56 19.53 25.35
N VAL B 99 -7.28 18.22 25.26
CA VAL B 99 -8.25 17.19 25.67
C VAL B 99 -7.63 16.10 26.59
N GLN B 100 -8.01 14.84 26.34
CA GLN B 100 -7.78 13.75 27.29
C GLN B 100 -6.80 12.70 26.76
N ASP B 101 -7.27 11.86 25.84
CA ASP B 101 -6.51 10.67 25.40
C ASP B 101 -6.95 10.21 24.00
N GLY B 102 -7.52 11.13 23.24
CA GLY B 102 -7.96 10.85 21.88
C GLY B 102 -7.86 12.11 21.03
N ILE B 103 -8.68 12.18 19.99
CA ILE B 103 -8.55 13.23 18.98
C ILE B 103 -9.78 14.10 18.84
N LEU B 104 -9.61 15.39 19.11
CA LEU B 104 -10.66 16.38 18.96
C LEU B 104 -10.71 16.83 17.50
N LEU B 105 -11.66 16.28 16.74
CA LEU B 105 -11.80 16.57 15.31
C LEU B 105 -12.53 17.88 15.00
N ALA B 106 -12.69 18.13 13.70
CA ALA B 106 -13.14 19.41 13.16
C ALA B 106 -14.52 19.87 13.61
N THR B 107 -15.51 18.99 13.50
CA THR B 107 -16.90 19.34 13.84
C THR B 107 -17.24 19.02 15.29
N GLY B 108 -16.38 19.48 16.21
CA GLY B 108 -16.57 19.28 17.66
C GLY B 108 -16.84 17.84 18.08
N LEU B 109 -16.23 16.90 17.36
CA LEU B 109 -16.37 15.47 17.62
C LEU B 109 -15.11 14.89 18.26
N HIS B 110 -15.23 14.48 19.52
CA HIS B 110 -14.14 13.86 20.25
C HIS B 110 -14.05 12.38 19.88
N VAL B 111 -12.93 11.97 19.31
CA VAL B 111 -12.73 10.60 18.85
C VAL B 111 -11.77 9.90 19.79
N HIS B 112 -12.15 8.71 20.26
CA HIS B 112 -11.35 8.00 21.25
C HIS B 112 -10.67 6.75 20.70
N ARG B 113 -9.62 6.35 21.42
CA ARG B 113 -8.72 5.26 21.00
C ARG B 113 -9.44 3.99 20.54
N SER B 114 -10.45 3.59 21.31
CA SER B 114 -11.21 2.37 21.09
C SER B 114 -12.13 2.45 19.86
N SER B 115 -12.63 3.66 19.57
CA SER B 115 -13.40 3.92 18.35
C SER B 115 -12.51 3.91 17.10
N ALA B 116 -11.22 4.19 17.28
CA ALA B 116 -10.25 4.07 16.21
C ALA B 116 -9.82 2.62 16.03
N HIS B 117 -9.44 1.96 17.13
CA HIS B 117 -9.04 0.56 17.10
C HIS B 117 -10.22 -0.29 16.61
N SER B 118 -11.39 0.34 16.47
CA SER B 118 -12.62 -0.29 15.99
C SER B 118 -12.81 -0.20 14.49
N ALA B 119 -12.46 0.96 13.93
CA ALA B 119 -12.60 1.25 12.50
C ALA B 119 -11.46 0.63 11.69
N GLY B 120 -10.46 0.09 12.38
CA GLY B 120 -9.29 -0.55 11.78
C GLY B 120 -8.08 0.36 11.65
N VAL B 121 -8.12 1.50 12.34
CA VAL B 121 -7.09 2.55 12.19
C VAL B 121 -6.34 2.87 13.49
N GLY B 122 -6.21 1.87 14.37
CA GLY B 122 -5.62 2.07 15.70
C GLY B 122 -4.14 2.43 15.75
N SER B 123 -3.32 1.73 14.98
CA SER B 123 -1.89 2.04 14.93
C SER B 123 -1.59 3.46 14.40
N ILE B 124 -2.37 3.91 13.41
CA ILE B 124 -2.20 5.28 12.91
C ILE B 124 -2.57 6.30 14.00
N PHE B 125 -3.70 6.06 14.65
CA PHE B 125 -4.26 6.93 15.68
C PHE B 125 -3.24 7.06 16.83
N ASP B 126 -2.63 5.92 17.16
CA ASP B 126 -1.52 5.84 18.10
C ASP B 126 -0.34 6.75 17.77
N ARG B 127 0.08 6.72 16.50
CA ARG B 127 1.13 7.59 15.98
C ARG B 127 0.76 9.07 16.10
N VAL B 128 -0.46 9.43 15.73
CA VAL B 128 -0.91 10.81 15.87
C VAL B 128 -0.72 11.26 17.32
N LEU B 129 -1.12 10.39 18.25
CA LEU B 129 -1.05 10.69 19.66
C LEU B 129 0.37 10.74 20.22
N THR B 130 1.19 9.73 19.91
CA THR B 130 2.58 9.67 20.41
C THR B 130 3.57 10.58 19.66
N GLU B 131 3.45 10.69 18.33
CA GLU B 131 4.38 11.49 17.53
C GLU B 131 4.03 12.96 17.38
N LEU B 132 2.73 13.28 17.44
CA LEU B 132 2.28 14.65 17.26
C LEU B 132 1.61 15.24 18.48
N VAL B 133 0.49 14.66 18.89
CA VAL B 133 -0.28 15.20 20.01
C VAL B 133 0.55 15.30 21.30
N SER B 134 1.22 14.20 21.66
CA SER B 134 2.08 14.19 22.83
C SER B 134 3.27 15.15 22.76
N LYS B 135 3.87 15.31 21.58
CA LYS B 135 5.08 16.15 21.45
C LYS B 135 4.75 17.64 21.42
N MET B 136 3.61 18.00 20.84
CA MET B 136 3.12 19.38 20.89
C MET B 136 2.79 19.79 22.32
N LYS B 137 2.10 18.89 23.03
CA LYS B 137 1.73 19.06 24.42
C LYS B 137 2.94 19.15 25.37
N ASP B 138 3.94 18.29 25.15
CA ASP B 138 5.14 18.29 25.97
C ASP B 138 5.95 19.58 25.86
N MET B 139 5.96 20.19 24.68
CA MET B 139 6.71 21.43 24.45
C MET B 139 5.88 22.72 24.53
N GLN B 140 4.61 22.60 24.90
CA GLN B 140 3.66 23.74 24.93
C GLN B 140 3.69 24.57 23.64
N MET B 141 3.65 23.91 22.48
CA MET B 141 3.69 24.59 21.18
C MET B 141 2.49 25.50 20.99
N ASP B 142 2.73 26.78 20.68
CA ASP B 142 1.63 27.75 20.55
C ASP B 142 1.06 27.84 19.15
N LYS B 143 0.14 28.78 18.96
CA LYS B 143 -0.64 28.88 17.71
C LYS B 143 0.10 29.63 16.61
N SER B 144 1.06 30.47 17.00
CA SER B 144 1.96 31.12 16.04
C SER B 144 2.90 30.09 15.44
N GLU B 145 3.40 29.19 16.29
CA GLU B 145 4.29 28.11 15.89
C GLU B 145 3.56 27.13 15.00
N LEU B 146 2.35 26.74 15.41
CA LEU B 146 1.48 25.89 14.61
C LEU B 146 1.23 26.48 13.22
N GLY B 147 0.90 27.77 13.18
CA GLY B 147 0.62 28.47 11.93
C GLY B 147 1.80 28.49 10.96
N CYS B 148 2.99 28.76 11.50
CA CYS B 148 4.23 28.78 10.73
C CYS B 148 4.59 27.38 10.23
N LEU B 149 4.43 26.37 11.08
CA LEU B 149 4.71 25.01 10.62
C LEU B 149 3.77 24.61 9.46
N ARG B 150 2.49 24.94 9.60
CA ARG B 150 1.53 24.70 8.54
C ARG B 150 1.79 25.49 7.26
N ALA B 151 2.34 26.70 7.39
CA ALA B 151 2.64 27.54 6.24
C ALA B 151 3.87 27.05 5.49
N ILE B 152 4.81 26.49 6.23
CA ILE B 152 5.93 25.78 5.65
C ILE B 152 5.43 24.53 4.91
N VAL B 153 4.54 23.77 5.53
CA VAL B 153 3.91 22.63 4.85
C VAL B 153 3.17 23.08 3.58
N LEU B 154 2.36 24.14 3.72
CA LEU B 154 1.66 24.75 2.59
C LEU B 154 2.58 25.22 1.46
N PHE B 155 3.66 25.93 1.80
CA PHE B 155 4.59 26.39 0.77
C PHE B 155 5.60 25.31 0.49
N ASN B 156 5.18 24.32 -0.29
CA ASN B 156 6.01 23.14 -0.54
C ASN B 156 6.60 23.24 -1.90
N PRO B 157 7.93 23.49 -2.02
CA PRO B 157 8.50 23.72 -3.37
C PRO B 157 8.76 22.41 -4.15
N ASP B 158 8.53 21.26 -3.50
CA ASP B 158 8.59 19.94 -4.14
C ASP B 158 7.25 19.47 -4.76
N ALA B 159 6.19 20.23 -4.56
CA ALA B 159 4.88 19.89 -5.13
C ALA B 159 4.96 19.83 -6.68
N LYS B 160 4.58 18.71 -7.27
CA LYS B 160 4.67 18.56 -8.75
C LYS B 160 3.55 19.30 -9.51
N GLY B 161 3.98 19.97 -10.59
CA GLY B 161 3.08 20.75 -11.41
C GLY B 161 3.26 22.24 -11.19
N LEU B 162 4.10 22.61 -10.23
CA LEU B 162 4.38 24.02 -9.97
C LEU B 162 5.14 24.64 -11.13
N SER B 163 4.57 25.73 -11.66
CA SER B 163 5.16 26.47 -12.79
C SER B 163 6.36 27.29 -12.35
N ASN B 164 6.35 27.74 -11.10
CA ASN B 164 7.48 28.47 -10.54
C ASN B 164 7.74 28.02 -9.11
N PRO B 165 8.37 26.83 -8.95
CA PRO B 165 8.77 26.31 -7.64
C PRO B 165 9.62 27.26 -6.77
N SER B 166 10.43 28.08 -7.43
CA SER B 166 11.38 28.98 -6.77
C SER B 166 10.70 30.08 -5.95
N GLU B 167 9.52 30.52 -6.36
CA GLU B 167 8.81 31.55 -5.61
C GLU B 167 8.23 30.92 -4.36
N VAL B 168 7.72 29.70 -4.50
CA VAL B 168 7.16 28.95 -3.38
C VAL B 168 8.26 28.70 -2.34
N GLU B 169 9.40 28.24 -2.83
CA GLU B 169 10.61 28.03 -2.04
C GLU B 169 11.03 29.31 -1.28
N THR B 170 11.11 30.43 -2.00
CA THR B 170 11.37 31.74 -1.41
C THR B 170 10.41 32.08 -0.28
N LEU B 171 9.14 31.72 -0.49
CA LEU B 171 8.07 31.93 0.49
C LEU B 171 8.19 31.05 1.75
N ARG B 172 8.57 29.80 1.55
CA ARG B 172 8.88 28.88 2.66
C ARG B 172 10.04 29.45 3.51
N GLU B 173 11.10 29.89 2.84
CA GLU B 173 12.24 30.60 3.45
C GLU B 173 11.90 31.81 4.34
N LYS B 174 10.96 32.66 3.92
CA LYS B 174 10.50 33.78 4.75
C LYS B 174 9.72 33.32 5.99
N VAL B 175 8.91 32.28 5.84
CA VAL B 175 8.14 31.74 6.98
C VAL B 175 9.06 31.15 8.05
N TYR B 176 10.02 30.30 7.65
CA TYR B 176 10.90 29.68 8.63
C TYR B 176 11.93 30.63 9.26
N ALA B 177 12.34 31.66 8.51
CA ALA B 177 13.04 32.82 9.10
C ALA B 177 12.18 33.49 10.18
N THR B 178 10.89 33.68 9.90
CA THR B 178 9.96 34.32 10.86
C THR B 178 9.75 33.48 12.13
N LEU B 179 9.69 32.17 11.95
CA LEU B 179 9.49 31.24 13.06
C LEU B 179 10.75 31.16 13.92
N GLU B 180 11.92 31.18 13.26
CA GLU B 180 13.21 31.22 13.94
C GLU B 180 13.38 32.47 14.81
N ALA B 181 12.97 33.64 14.30
CA ALA B 181 13.02 34.88 15.07
C ALA B 181 12.01 34.85 16.22
N TYR B 182 10.77 34.46 15.92
CA TYR B 182 9.72 34.34 16.95
C TYR B 182 10.18 33.42 18.08
N THR B 183 10.60 32.21 17.72
CA THR B 183 11.10 31.25 18.68
C THR B 183 12.23 31.82 19.57
N LYS B 184 13.18 32.54 18.95
CA LYS B 184 14.32 33.09 19.70
C LYS B 184 13.90 34.27 20.56
N GLN B 185 12.77 34.89 20.22
CA GLN B 185 12.33 36.08 20.92
C GLN B 185 11.36 35.77 22.05
N LYS B 186 10.58 34.71 21.89
CA LYS B 186 9.62 34.34 22.92
C LYS B 186 10.06 33.15 23.79
N TYR B 187 11.04 32.39 23.29
CA TYR B 187 11.58 31.29 24.09
C TYR B 187 13.12 31.36 24.13
N PRO B 188 13.66 32.42 24.76
CA PRO B 188 15.09 32.72 24.66
C PRO B 188 15.98 31.71 25.39
N GLU B 189 15.38 30.94 26.29
CA GLU B 189 16.10 29.93 27.08
C GLU B 189 16.02 28.54 26.43
N GLN B 190 15.31 28.44 25.29
CA GLN B 190 15.23 27.19 24.52
C GLN B 190 15.90 27.35 23.15
N PRO B 191 17.23 27.15 23.10
CA PRO B 191 17.93 27.34 21.82
C PRO B 191 17.64 26.25 20.77
N GLY B 192 17.20 25.07 21.21
CA GLY B 192 16.86 23.98 20.29
C GLY B 192 15.42 23.97 19.78
N ARG B 193 14.63 24.99 20.12
CA ARG B 193 13.17 24.95 19.85
C ARG B 193 12.81 25.00 18.37
N PHE B 194 13.41 25.92 17.62
CA PHE B 194 13.25 26.01 16.17
C PHE B 194 13.53 24.66 15.48
N ALA B 195 14.62 24.02 15.87
CA ALA B 195 15.00 22.72 15.38
C ALA B 195 13.98 21.67 15.78
N LYS B 196 13.49 21.75 17.01
CA LYS B 196 12.53 20.80 17.54
C LYS B 196 11.19 20.83 16.80
N LEU B 197 10.73 22.05 16.50
CA LEU B 197 9.53 22.26 15.69
C LEU B 197 9.65 21.68 14.27
N LEU B 198 10.74 22.02 13.58
CA LEU B 198 10.98 21.53 12.21
C LEU B 198 11.09 20.00 12.13
N LEU B 199 11.58 19.39 13.20
CA LEU B 199 11.77 17.96 13.24
C LEU B 199 10.50 17.19 13.62
N ARG B 200 9.39 17.90 13.76
CA ARG B 200 8.08 17.28 13.80
C ARG B 200 7.48 17.03 12.39
N LEU B 201 8.07 17.67 11.37
CA LEU B 201 7.60 17.60 9.97
C LEU B 201 7.84 16.28 9.24
N PRO B 202 8.98 15.60 9.46
CA PRO B 202 9.01 14.25 8.86
C PRO B 202 7.94 13.27 9.43
N ALA B 203 7.61 13.40 10.72
CA ALA B 203 6.62 12.56 11.37
C ALA B 203 5.25 12.88 10.80
N LEU B 204 4.98 14.15 10.56
CA LEU B 204 3.76 14.62 9.96
C LEU B 204 3.60 14.11 8.52
N ARG B 205 4.68 14.14 7.75
CA ARG B 205 4.66 13.67 6.37
C ARG B 205 4.33 12.17 6.32
N SER B 206 4.98 11.41 7.20
CA SER B 206 4.83 9.97 7.27
C SER B 206 3.42 9.55 7.70
N ILE B 207 2.88 10.24 8.71
CA ILE B 207 1.55 9.98 9.19
C ILE B 207 0.55 10.35 8.08
N GLY B 208 0.80 11.48 7.39
CA GLY B 208 -0.02 11.91 6.25
C GLY B 208 -0.17 10.85 5.16
N LEU B 209 0.96 10.31 4.74
CA LEU B 209 1.00 9.21 3.77
C LEU B 209 0.20 8.01 4.25
N LYS B 210 0.41 7.63 5.51
CA LYS B 210 -0.32 6.52 6.15
C LYS B 210 -1.83 6.78 6.25
N CYS B 211 -2.23 8.01 6.59
CA CYS B 211 -3.64 8.41 6.61
C CYS B 211 -4.33 8.26 5.24
N LEU B 212 -3.73 8.85 4.20
CA LEU B 212 -4.22 8.68 2.82
C LEU B 212 -4.45 7.21 2.48
N GLU B 213 -3.36 6.40 2.81
CA GLU B 213 -3.46 4.95 2.62
C GLU B 213 -4.54 4.21 3.45
N HIS B 214 -5.07 4.84 4.52
CA HIS B 214 -6.06 4.21 5.45
C HIS B 214 -7.12 5.13 6.12
N LEU B 215 -6.69 6.05 7.03
CA LEU B 215 -7.50 6.76 8.09
C LEU B 215 -8.76 7.57 7.67
N PHE B 216 -9.34 8.27 8.67
CA PHE B 216 -10.34 9.36 8.53
C PHE B 216 -11.70 8.91 8.02
N PHE B 217 -12.65 8.78 8.96
CA PHE B 217 -13.80 7.90 8.80
C PHE B 217 -15.15 8.36 9.43
N PHE B 218 -16.18 7.71 8.89
CA PHE B 218 -17.53 7.69 9.39
C PHE B 218 -18.04 6.25 9.10
N LYS B 219 -17.36 5.29 9.71
CA LYS B 219 -17.71 3.87 9.63
C LYS B 219 -19.04 3.61 10.29
N LEU B 220 -19.40 4.50 11.22
CA LEU B 220 -20.73 4.56 11.84
C LEU B 220 -21.81 4.77 10.76
N ILE B 221 -22.16 3.65 10.14
CA ILE B 221 -22.99 3.58 8.93
C ILE B 221 -23.37 2.10 8.72
N GLY B 222 -24.27 1.56 9.55
CA GLY B 222 -25.11 2.34 10.45
C GLY B 222 -26.47 2.55 9.81
N ASP B 223 -26.48 3.07 8.59
CA ASP B 223 -27.69 3.13 7.79
C ASP B 223 -28.09 1.73 7.37
N THR B 224 -28.80 1.06 8.28
CA THR B 224 -29.41 -0.28 8.04
C THR B 224 -30.78 -0.10 7.33
N PRO B 225 -30.79 -0.40 6.01
CA PRO B 225 -31.95 -0.34 5.16
C PRO B 225 -32.67 -1.69 5.00
N ILE B 226 -32.77 -2.44 6.09
CA ILE B 226 -33.73 -3.57 6.19
C ILE B 226 -34.47 -3.56 7.56
N ASP C 11 -3.28 -35.25 -23.59
CA ASP C 11 -2.82 -33.83 -23.80
C ASP C 11 -2.45 -33.11 -22.50
N MET C 12 -3.30 -33.26 -21.48
CA MET C 12 -3.06 -32.71 -20.15
C MET C 12 -3.36 -33.71 -19.00
N PRO C 13 -2.58 -34.81 -18.91
CA PRO C 13 -2.90 -35.88 -17.94
C PRO C 13 -2.54 -35.52 -16.50
N VAL C 14 -3.41 -35.89 -15.54
CA VAL C 14 -3.18 -35.63 -14.11
C VAL C 14 -1.90 -36.23 -13.57
N GLU C 15 -1.48 -37.37 -14.15
CA GLU C 15 -0.26 -38.10 -13.76
C GLU C 15 0.95 -37.22 -14.03
N ARG C 16 0.96 -36.64 -15.23
CA ARG C 16 2.04 -35.74 -15.65
C ARG C 16 2.07 -34.45 -14.83
N ILE C 17 0.90 -34.03 -14.31
CA ILE C 17 0.82 -32.89 -13.40
C ILE C 17 1.25 -33.28 -11.98
N LEU C 18 0.87 -34.47 -11.52
CA LEU C 18 1.32 -34.96 -10.21
C LEU C 18 2.81 -35.29 -10.23
N GLU C 19 3.28 -35.84 -11.35
CA GLU C 19 4.70 -36.08 -11.60
C GLU C 19 5.53 -34.81 -11.45
N ALA C 20 5.02 -33.69 -11.96
CA ALA C 20 5.65 -32.37 -11.75
C ALA C 20 5.81 -31.98 -10.27
N GLU C 21 4.76 -32.20 -9.47
CA GLU C 21 4.77 -31.90 -8.05
C GLU C 21 5.78 -32.72 -7.26
N LEU C 22 5.87 -34.01 -7.61
CA LEU C 22 6.70 -34.97 -6.87
C LEU C 22 8.17 -34.90 -7.25
N ALA C 23 8.43 -34.48 -8.48
CA ALA C 23 9.80 -34.36 -8.99
C ALA C 23 10.59 -33.28 -8.27
N VAL C 24 9.92 -32.21 -7.86
CA VAL C 24 10.61 -31.10 -7.21
C VAL C 24 10.44 -31.13 -5.70
N GLU C 25 9.67 -32.09 -5.18
CA GLU C 25 9.33 -32.08 -3.77
C GLU C 25 10.56 -32.20 -2.87
N PRO C 26 11.52 -33.10 -3.18
CA PRO C 26 11.59 -34.20 -4.16
C PRO C 26 11.18 -35.57 -3.53
N ALA C 50 23.33 -16.73 3.58
CA ALA C 50 22.52 -17.30 2.50
C ALA C 50 21.12 -17.66 3.00
N ALA C 51 20.08 -17.39 2.20
CA ALA C 51 20.22 -16.85 0.85
C ALA C 51 19.93 -17.94 -0.15
N ASP C 52 18.77 -17.86 -0.80
CA ASP C 52 18.28 -18.95 -1.65
C ASP C 52 16.92 -19.41 -1.16
N LYS C 53 15.94 -19.61 -2.05
CA LYS C 53 16.06 -19.48 -3.52
C LYS C 53 17.18 -20.31 -4.21
N GLN C 54 16.98 -21.64 -4.37
CA GLN C 54 15.84 -22.35 -3.81
C GLN C 54 14.68 -22.52 -4.78
N LEU C 55 14.01 -21.41 -5.11
CA LEU C 55 13.02 -21.37 -6.20
C LEU C 55 13.63 -21.70 -7.56
N PHE C 56 14.47 -22.74 -7.61
CA PHE C 56 14.85 -23.43 -8.85
C PHE C 56 13.87 -24.58 -9.05
N THR C 57 13.18 -24.91 -7.96
CA THR C 57 12.13 -25.91 -7.94
C THR C 57 10.88 -25.44 -8.68
N LEU C 58 10.70 -24.12 -8.77
CA LEU C 58 9.57 -23.53 -9.47
C LEU C 58 9.76 -23.65 -10.97
N VAL C 59 10.99 -23.43 -11.43
CA VAL C 59 11.31 -23.52 -12.85
C VAL C 59 11.23 -24.98 -13.31
N GLU C 60 11.85 -25.88 -12.52
CA GLU C 60 11.83 -27.32 -12.80
C GLU C 60 10.43 -27.91 -12.69
N TRP C 61 9.59 -27.31 -11.84
CA TRP C 61 8.19 -27.72 -11.78
C TRP C 61 7.45 -27.32 -13.06
N ALA C 62 7.66 -26.08 -13.50
CA ALA C 62 6.94 -25.55 -14.64
C ALA C 62 7.30 -26.27 -15.93
N LYS C 63 8.56 -26.72 -16.01
CA LYS C 63 9.05 -27.46 -17.17
C LYS C 63 8.31 -28.79 -17.39
N ARG C 64 7.88 -29.40 -16.29
CA ARG C 64 7.30 -30.72 -16.31
C ARG C 64 5.78 -30.67 -16.48
N ILE C 65 5.22 -29.46 -16.54
CA ILE C 65 3.80 -29.26 -16.82
C ILE C 65 3.59 -29.40 -18.33
N PRO C 66 2.72 -30.36 -18.74
CA PRO C 66 2.54 -30.58 -20.17
C PRO C 66 2.34 -29.28 -20.93
N HIS C 67 3.12 -29.11 -22.00
CA HIS C 67 2.99 -28.01 -22.97
C HIS C 67 3.45 -26.63 -22.52
N PHE C 68 3.97 -26.52 -21.30
CA PHE C 68 4.46 -25.21 -20.81
C PHE C 68 5.67 -24.76 -21.62
N SER C 69 6.58 -25.70 -21.89
CA SER C 69 7.78 -25.41 -22.67
C SER C 69 7.49 -25.29 -24.17
N ASP C 70 6.27 -25.64 -24.59
CA ASP C 70 5.85 -25.48 -25.97
C ASP C 70 5.58 -24.00 -26.30
N LEU C 71 5.58 -23.14 -25.28
CA LEU C 71 5.39 -21.70 -25.45
C LEU C 71 6.71 -20.99 -25.74
N THR C 72 6.60 -19.78 -26.31
CA THR C 72 7.72 -18.86 -26.47
C THR C 72 8.38 -18.63 -25.10
N LEU C 73 9.69 -18.46 -25.09
CA LEU C 73 10.46 -18.35 -23.85
C LEU C 73 10.19 -17.05 -23.12
N GLU C 74 9.75 -16.04 -23.87
CA GLU C 74 9.40 -14.75 -23.27
C GLU C 74 8.03 -14.82 -22.57
N ASP C 75 7.12 -15.65 -23.08
CA ASP C 75 5.85 -15.94 -22.38
C ASP C 75 6.05 -16.81 -21.14
N GLN C 76 6.94 -17.81 -21.24
CA GLN C 76 7.34 -18.62 -20.09
C GLN C 76 7.92 -17.80 -18.93
N VAL C 77 8.60 -16.70 -19.24
CA VAL C 77 9.12 -15.80 -18.22
C VAL C 77 7.97 -14.95 -17.66
N ILE C 78 7.10 -14.48 -18.54
CA ILE C 78 5.93 -13.71 -18.16
C ILE C 78 5.04 -14.52 -17.20
N LEU C 79 4.67 -15.75 -17.58
CA LEU C 79 3.83 -16.61 -16.74
C LEU C 79 4.40 -16.88 -15.34
N LEU C 80 5.72 -17.06 -15.27
CA LEU C 80 6.40 -17.38 -14.02
C LEU C 80 6.52 -16.21 -13.06
N ARG C 81 7.02 -15.07 -13.55
CA ARG C 81 7.14 -13.85 -12.76
C ARG C 81 5.78 -13.40 -12.20
N ALA C 82 4.74 -13.52 -13.02
CA ALA C 82 3.39 -13.17 -12.60
C ALA C 82 2.80 -14.17 -11.59
N GLY C 83 3.02 -15.46 -11.80
CA GLY C 83 2.50 -16.48 -10.92
C GLY C 83 3.29 -16.77 -9.66
N TRP C 84 4.57 -16.41 -9.61
CA TRP C 84 5.46 -17.02 -8.62
C TRP C 84 5.01 -17.00 -7.15
N ASN C 85 4.47 -15.88 -6.69
CA ASN C 85 4.04 -15.71 -5.30
C ASN C 85 2.85 -16.62 -4.91
N GLU C 86 1.83 -16.68 -5.76
CA GLU C 86 0.70 -17.57 -5.53
C GLU C 86 1.11 -19.06 -5.56
N LEU C 87 1.93 -19.44 -6.54
CA LEU C 87 2.49 -20.80 -6.65
C LEU C 87 3.24 -21.19 -5.39
N LEU C 88 4.03 -20.27 -4.85
CA LEU C 88 4.80 -20.48 -3.63
C LEU C 88 3.84 -20.64 -2.44
N ILE C 89 2.93 -19.68 -2.27
CA ILE C 89 1.94 -19.73 -1.19
C ILE C 89 1.09 -21.00 -1.25
N ALA C 90 0.72 -21.45 -2.45
CA ALA C 90 -0.07 -22.67 -2.60
C ALA C 90 0.78 -23.88 -2.16
N SER C 91 2.05 -23.88 -2.56
CA SER C 91 2.96 -24.93 -2.17
C SER C 91 3.09 -25.04 -0.67
N PHE C 92 3.41 -23.95 0.01
CA PHE C 92 3.70 -24.07 1.43
C PHE C 92 2.46 -24.19 2.28
N SER C 93 1.31 -23.80 1.71
CA SER C 93 0.03 -23.99 2.38
C SER C 93 -0.33 -25.47 2.41
N HIS C 94 -0.14 -26.16 1.29
CA HIS C 94 -0.45 -27.58 1.21
C HIS C 94 0.54 -28.45 1.98
N ARG C 95 1.82 -28.12 1.89
CA ARG C 95 2.87 -28.74 2.70
C ARG C 95 2.57 -28.61 4.20
N SER C 96 1.83 -27.59 4.59
CA SER C 96 1.51 -27.30 6.01
C SER C 96 0.31 -28.07 6.51
N VAL C 97 -0.20 -28.95 5.64
CA VAL C 97 -1.34 -29.81 5.94
C VAL C 97 -0.85 -31.00 6.76
N SER C 98 0.45 -31.30 6.59
CA SER C 98 1.17 -32.35 7.31
C SER C 98 1.51 -31.99 8.76
N VAL C 99 1.57 -30.70 9.06
CA VAL C 99 1.91 -30.25 10.42
C VAL C 99 0.70 -29.89 11.28
N GLN C 100 0.98 -29.61 12.55
CA GLN C 100 -0.01 -29.26 13.58
C GLN C 100 -0.68 -27.90 13.33
N ASP C 101 0.10 -26.81 13.24
CA ASP C 101 -0.52 -25.47 12.97
C ASP C 101 0.40 -24.26 12.65
N GLY C 102 1.62 -24.53 12.20
CA GLY C 102 2.45 -23.44 11.70
C GLY C 102 2.49 -23.46 10.19
N ILE C 103 3.60 -22.96 9.63
CA ILE C 103 3.87 -23.07 8.20
C ILE C 103 5.18 -23.83 8.04
N LEU C 104 5.19 -24.81 7.14
CA LEU C 104 6.37 -25.60 6.83
C LEU C 104 6.95 -25.14 5.49
N LEU C 105 8.18 -24.62 5.52
CA LEU C 105 8.83 -24.14 4.30
C LEU C 105 9.73 -25.18 3.62
N ALA C 106 10.15 -24.88 2.40
CA ALA C 106 10.85 -25.81 1.50
C ALA C 106 12.06 -26.56 2.11
N THR C 107 12.68 -25.96 3.12
CA THR C 107 13.90 -26.51 3.73
C THR C 107 13.64 -27.31 5.00
N GLY C 108 12.73 -26.82 5.83
CA GLY C 108 12.41 -27.42 7.11
C GLY C 108 11.82 -26.37 8.03
N LEU C 109 12.16 -25.11 7.75
CA LEU C 109 11.64 -23.95 8.47
C LEU C 109 10.16 -24.11 8.81
N HIS C 110 9.90 -24.50 10.06
CA HIS C 110 8.54 -24.52 10.57
C HIS C 110 8.30 -23.16 11.22
N VAL C 111 7.47 -22.32 10.58
CA VAL C 111 7.15 -20.99 11.09
C VAL C 111 5.91 -21.08 11.96
N HIS C 112 5.98 -20.52 13.16
CA HIS C 112 4.86 -20.55 14.10
C HIS C 112 4.27 -19.15 14.22
N ARG C 113 3.06 -19.05 14.75
CA ARG C 113 2.39 -17.76 14.84
C ARG C 113 3.19 -16.68 15.58
N SER C 114 3.90 -17.10 16.63
CA SER C 114 4.67 -16.18 17.48
C SER C 114 5.78 -15.41 16.72
N SER C 115 6.61 -16.11 15.96
CA SER C 115 7.71 -15.47 15.22
C SER C 115 7.22 -14.69 13.99
N ALA C 116 6.00 -15.00 13.54
CA ALA C 116 5.30 -14.21 12.53
C ALA C 116 4.75 -12.91 13.12
N HIS C 117 3.99 -13.05 14.21
CA HIS C 117 3.35 -11.93 14.89
C HIS C 117 4.34 -10.98 15.55
N SER C 118 5.63 -11.26 15.40
CA SER C 118 6.69 -10.36 15.84
C SER C 118 7.44 -9.74 14.66
N ALA C 119 7.45 -10.46 13.53
CA ALA C 119 8.05 -9.96 12.29
C ALA C 119 7.14 -8.97 11.54
N GLY C 120 6.03 -8.59 12.17
CA GLY C 120 5.08 -7.66 11.57
C GLY C 120 4.35 -8.22 10.35
N VAL C 121 4.24 -9.55 10.29
CA VAL C 121 3.46 -10.25 9.26
C VAL C 121 2.50 -11.25 9.91
N GLY C 122 1.88 -10.82 11.02
CA GLY C 122 0.94 -11.63 11.79
C GLY C 122 -0.41 -11.86 11.12
N SER C 123 -1.09 -10.77 10.73
CA SER C 123 -2.42 -10.84 10.12
C SER C 123 -2.47 -11.67 8.84
N ILE C 124 -1.39 -11.58 8.06
CA ILE C 124 -1.28 -12.32 6.81
C ILE C 124 -1.11 -13.82 7.07
N PHE C 125 -0.36 -14.13 8.12
CA PHE C 125 -0.18 -15.50 8.60
C PHE C 125 -1.54 -16.08 9.02
N ASP C 126 -2.36 -15.29 9.69
CA ASP C 126 -3.70 -15.73 10.09
C ASP C 126 -4.55 -16.05 8.88
N ARG C 127 -4.42 -15.24 7.82
CA ARG C 127 -5.17 -15.43 6.58
C ARG C 127 -4.76 -16.72 5.84
N VAL C 128 -3.45 -16.97 5.80
CA VAL C 128 -2.89 -18.19 5.22
C VAL C 128 -3.48 -19.42 5.93
N LEU C 129 -3.59 -19.34 7.25
CA LEU C 129 -4.07 -20.45 8.04
C LEU C 129 -5.56 -20.70 7.86
N THR C 130 -6.36 -19.64 7.99
CA THR C 130 -7.82 -19.77 7.94
C THR C 130 -8.41 -19.88 6.54
N GLU C 131 -7.85 -19.14 5.57
CA GLU C 131 -8.40 -19.16 4.21
C GLU C 131 -7.79 -20.28 3.35
N LEU C 132 -6.56 -20.70 3.64
CA LEU C 132 -5.94 -21.73 2.82
C LEU C 132 -5.65 -23.04 3.57
N VAL C 133 -4.82 -22.97 4.61
CA VAL C 133 -4.38 -24.18 5.29
C VAL C 133 -5.52 -25.00 5.89
N SER C 134 -6.37 -24.39 6.71
CA SER C 134 -7.48 -25.11 7.33
C SER C 134 -8.51 -25.66 6.31
N LYS C 135 -8.73 -24.93 5.21
CA LYS C 135 -9.68 -25.36 4.16
C LYS C 135 -9.15 -26.56 3.38
N MET C 136 -7.84 -26.55 3.15
CA MET C 136 -7.17 -27.69 2.54
C MET C 136 -7.21 -28.89 3.45
N LYS C 137 -7.06 -28.66 4.75
CA LYS C 137 -7.15 -29.72 5.77
C LYS C 137 -8.54 -30.28 5.88
N ASP C 138 -9.52 -29.40 5.99
CA ASP C 138 -10.93 -29.75 6.08
C ASP C 138 -11.35 -30.69 4.94
N MET C 139 -11.12 -30.26 3.70
CA MET C 139 -11.53 -31.01 2.52
C MET C 139 -10.55 -32.12 2.09
N GLN C 140 -9.44 -32.25 2.83
CA GLN C 140 -8.40 -33.23 2.53
C GLN C 140 -7.82 -33.07 1.10
N MET C 141 -7.63 -31.84 0.67
CA MET C 141 -7.16 -31.58 -0.68
C MET C 141 -5.89 -32.40 -0.99
N ASP C 142 -5.89 -33.12 -2.10
CA ASP C 142 -4.73 -33.95 -2.40
C ASP C 142 -3.74 -33.33 -3.38
N LYS C 143 -2.63 -34.02 -3.61
CA LYS C 143 -1.49 -33.47 -4.33
C LYS C 143 -1.75 -33.32 -5.83
N SER C 144 -2.61 -34.17 -6.39
CA SER C 144 -3.06 -34.00 -7.77
C SER C 144 -3.97 -32.76 -7.94
N GLU C 145 -4.86 -32.52 -6.97
CA GLU C 145 -5.67 -31.30 -6.91
C GLU C 145 -4.83 -30.03 -6.78
N LEU C 146 -3.83 -30.08 -5.91
CA LEU C 146 -2.91 -28.99 -5.71
C LEU C 146 -2.12 -28.68 -6.98
N GLY C 147 -1.58 -29.74 -7.59
CA GLY C 147 -0.82 -29.60 -8.83
C GLY C 147 -1.63 -28.95 -9.93
N CYS C 148 -2.90 -29.34 -10.02
CA CYS C 148 -3.82 -28.78 -10.99
C CYS C 148 -4.14 -27.30 -10.72
N LEU C 149 -4.44 -26.98 -9.47
CA LEU C 149 -4.68 -25.56 -9.13
C LEU C 149 -3.44 -24.68 -9.41
N ARG C 150 -2.27 -25.13 -8.99
CA ARG C 150 -1.00 -24.48 -9.30
C ARG C 150 -0.77 -24.32 -10.82
N ALA C 151 -1.14 -25.32 -11.62
CA ALA C 151 -1.03 -25.21 -13.07
C ALA C 151 -2.05 -24.22 -13.64
N ILE C 152 -3.24 -24.18 -13.06
CA ILE C 152 -4.24 -23.20 -13.44
C ILE C 152 -3.69 -21.80 -13.12
N VAL C 153 -3.10 -21.63 -11.93
CA VAL C 153 -2.49 -20.33 -11.61
C VAL C 153 -1.40 -20.00 -12.63
N LEU C 154 -0.51 -20.96 -12.92
CA LEU C 154 0.54 -20.80 -13.93
C LEU C 154 -0.01 -20.28 -15.27
N PHE C 155 -0.99 -20.99 -15.85
CA PHE C 155 -1.56 -20.58 -17.14
C PHE C 155 -2.55 -19.45 -16.98
N ASN C 156 -2.02 -18.27 -16.66
CA ASN C 156 -2.79 -17.05 -16.52
C ASN C 156 -2.81 -16.23 -17.83
N PRO C 157 -3.96 -16.20 -18.54
CA PRO C 157 -4.09 -15.55 -19.84
C PRO C 157 -4.29 -14.02 -19.75
N ASP C 158 -4.51 -13.53 -18.52
CA ASP C 158 -4.61 -12.11 -18.15
C ASP C 158 -3.24 -11.56 -17.76
N ALA C 159 -2.20 -12.35 -17.94
CA ALA C 159 -0.86 -11.94 -17.54
C ALA C 159 -0.38 -10.85 -18.50
N LYS C 160 0.14 -9.76 -17.94
CA LYS C 160 0.54 -8.62 -18.77
C LYS C 160 1.71 -9.05 -19.66
N GLY C 161 1.55 -8.81 -20.96
CA GLY C 161 2.66 -8.91 -21.93
C GLY C 161 2.69 -10.17 -22.79
N LEU C 162 1.72 -11.06 -22.57
CA LEU C 162 1.67 -12.33 -23.32
C LEU C 162 1.47 -12.11 -24.82
N SER C 163 2.20 -12.88 -25.62
CA SER C 163 2.15 -12.71 -27.08
C SER C 163 1.12 -13.60 -27.76
N ASN C 164 0.73 -14.68 -27.07
CA ASN C 164 -0.30 -15.62 -27.54
C ASN C 164 -1.22 -16.02 -26.38
N PRO C 165 -2.02 -15.06 -25.87
CA PRO C 165 -2.76 -15.22 -24.61
C PRO C 165 -3.87 -16.25 -24.72
N SER C 166 -4.25 -16.57 -25.95
CA SER C 166 -5.31 -17.53 -26.26
C SER C 166 -4.82 -18.98 -26.17
N GLU C 167 -3.52 -19.19 -26.41
CA GLU C 167 -2.90 -20.51 -26.24
C GLU C 167 -2.78 -20.80 -24.76
N VAL C 168 -2.40 -19.80 -23.98
CA VAL C 168 -2.37 -19.88 -22.51
C VAL C 168 -3.73 -20.19 -21.89
N GLU C 169 -4.80 -19.67 -22.49
CA GLU C 169 -6.16 -19.90 -22.02
C GLU C 169 -6.63 -21.31 -22.35
N THR C 170 -6.25 -21.78 -23.55
CA THR C 170 -6.50 -23.15 -23.97
C THR C 170 -5.86 -24.15 -23.01
N LEU C 171 -4.60 -23.89 -22.65
CA LEU C 171 -3.87 -24.70 -21.68
C LEU C 171 -4.54 -24.68 -20.29
N ARG C 172 -4.86 -23.49 -19.78
CA ARG C 172 -5.62 -23.40 -18.55
C ARG C 172 -6.88 -24.29 -18.60
N GLU C 173 -7.60 -24.27 -19.72
CA GLU C 173 -8.88 -25.00 -19.88
C GLU C 173 -8.71 -26.52 -19.93
N LYS C 174 -7.59 -26.96 -20.50
CA LYS C 174 -7.23 -28.37 -20.41
C LYS C 174 -6.90 -28.78 -18.96
N VAL C 175 -6.25 -27.91 -18.21
CA VAL C 175 -6.03 -28.18 -16.79
C VAL C 175 -7.35 -28.28 -16.02
N TYR C 176 -8.28 -27.35 -16.20
CA TYR C 176 -9.56 -27.47 -15.46
C TYR C 176 -10.57 -28.58 -15.92
N ALA C 177 -10.47 -29.02 -17.17
CA ALA C 177 -11.19 -30.22 -17.61
C ALA C 177 -10.61 -31.50 -16.98
N THR C 178 -9.29 -31.55 -16.87
CA THR C 178 -8.59 -32.69 -16.28
C THR C 178 -8.87 -32.79 -14.79
N LEU C 179 -8.88 -31.64 -14.11
CA LEU C 179 -9.13 -31.59 -12.68
C LEU C 179 -10.59 -31.93 -12.34
N GLU C 180 -11.51 -31.49 -13.19
CA GLU C 180 -12.92 -31.83 -13.01
C GLU C 180 -13.16 -33.32 -13.23
N ALA C 181 -12.43 -33.90 -14.18
CA ALA C 181 -12.61 -35.32 -14.47
C ALA C 181 -12.01 -36.17 -13.33
N TYR C 182 -10.87 -35.75 -12.80
CA TYR C 182 -10.22 -36.43 -11.69
C TYR C 182 -11.08 -36.39 -10.42
N THR C 183 -11.61 -35.20 -10.15
CA THR C 183 -12.56 -34.91 -9.09
C THR C 183 -13.81 -35.83 -9.08
N LYS C 184 -14.38 -36.10 -10.25
CA LYS C 184 -15.59 -36.96 -10.33
C LYS C 184 -15.25 -38.45 -10.18
N GLN C 185 -14.09 -38.86 -10.70
CA GLN C 185 -13.54 -40.19 -10.49
C GLN C 185 -13.20 -40.44 -9.02
N LYS C 186 -12.32 -39.61 -8.47
CA LYS C 186 -11.87 -39.84 -7.10
C LYS C 186 -12.77 -39.40 -5.96
N TYR C 187 -13.79 -38.58 -6.20
CA TYR C 187 -14.69 -38.15 -5.11
C TYR C 187 -16.19 -38.19 -5.44
N PRO C 188 -16.70 -39.35 -5.89
CA PRO C 188 -18.12 -39.51 -6.30
C PRO C 188 -19.17 -38.99 -5.32
N GLU C 189 -18.87 -39.01 -4.01
CA GLU C 189 -19.76 -38.46 -2.99
C GLU C 189 -19.85 -36.93 -3.00
N GLN C 190 -18.81 -36.27 -3.50
CA GLN C 190 -18.68 -34.80 -3.44
C GLN C 190 -18.91 -34.14 -4.80
N PRO C 191 -20.16 -33.75 -5.10
CA PRO C 191 -20.45 -33.16 -6.40
C PRO C 191 -19.92 -31.73 -6.59
N GLY C 192 -19.88 -30.95 -5.51
CA GLY C 192 -19.37 -29.57 -5.54
C GLY C 192 -17.90 -29.44 -5.18
N ARG C 193 -17.13 -30.51 -5.32
CA ARG C 193 -15.70 -30.49 -5.00
C ARG C 193 -14.87 -29.67 -5.97
N PHE C 194 -15.11 -29.86 -7.26
CA PHE C 194 -14.47 -29.07 -8.31
C PHE C 194 -14.64 -27.56 -8.06
N ALA C 195 -15.87 -27.08 -7.90
CA ALA C 195 -16.09 -25.66 -7.65
C ALA C 195 -15.36 -25.19 -6.40
N LYS C 196 -15.37 -26.02 -5.37
CA LYS C 196 -14.75 -25.72 -4.09
C LYS C 196 -13.25 -25.42 -4.22
N LEU C 197 -12.55 -26.22 -5.03
CA LEU C 197 -11.14 -26.03 -5.33
C LEU C 197 -10.88 -24.70 -6.05
N LEU C 198 -11.64 -24.44 -7.12
CA LEU C 198 -11.53 -23.19 -7.87
C LEU C 198 -11.89 -21.98 -7.03
N LEU C 199 -12.77 -22.16 -6.06
CA LEU C 199 -13.18 -21.04 -5.18
C LEU C 199 -12.18 -20.69 -4.09
N ARG C 200 -11.04 -21.39 -4.09
CA ARG C 200 -9.92 -21.08 -3.24
C ARG C 200 -8.99 -20.09 -3.93
N LEU C 201 -9.13 -19.96 -5.27
CA LEU C 201 -8.21 -19.13 -6.02
C LEU C 201 -8.34 -17.64 -5.75
N PRO C 202 -9.56 -17.11 -5.57
CA PRO C 202 -9.62 -15.69 -5.17
C PRO C 202 -8.87 -15.33 -3.87
N ALA C 203 -8.97 -16.16 -2.84
CA ALA C 203 -8.23 -16.02 -1.58
C ALA C 203 -6.69 -16.11 -1.78
N LEU C 204 -6.27 -17.06 -2.61
CA LEU C 204 -4.86 -17.16 -3.00
C LEU C 204 -4.37 -15.90 -3.76
N ARG C 205 -5.21 -15.39 -4.67
CA ARG C 205 -4.89 -14.17 -5.41
C ARG C 205 -4.67 -13.01 -4.43
N SER C 206 -5.59 -12.83 -3.50
CA SER C 206 -5.53 -11.72 -2.60
C SER C 206 -4.45 -11.88 -1.50
N ILE C 207 -4.25 -13.09 -0.99
CA ILE C 207 -3.14 -13.35 -0.08
C ILE C 207 -1.80 -13.16 -0.81
N GLY C 208 -1.77 -13.47 -2.10
CA GLY C 208 -0.60 -13.22 -2.95
C GLY C 208 -0.21 -11.76 -3.01
N LEU C 209 -1.20 -10.88 -3.16
CA LEU C 209 -0.97 -9.42 -3.17
C LEU C 209 -0.42 -8.92 -1.85
N LYS C 210 -0.98 -9.37 -0.73
CA LYS C 210 -0.51 -9.00 0.59
C LYS C 210 0.92 -9.49 0.87
N CYS C 211 1.25 -10.68 0.36
CA CYS C 211 2.58 -11.24 0.58
C CYS C 211 3.62 -10.48 -0.20
N LEU C 212 3.40 -10.33 -1.51
CA LEU C 212 4.29 -9.56 -2.38
C LEU C 212 4.69 -8.25 -1.71
N GLU C 213 3.72 -7.57 -1.12
CA GLU C 213 3.98 -6.30 -0.47
C GLU C 213 4.80 -6.40 0.84
N HIS C 214 4.99 -7.62 1.40
CA HIS C 214 5.89 -7.83 2.58
C HIS C 214 6.43 -9.21 2.97
N LEU C 215 5.53 -10.19 3.13
CA LEU C 215 5.77 -11.53 3.75
C LEU C 215 7.04 -12.25 3.27
N PHE C 216 7.22 -13.49 3.73
CA PHE C 216 8.27 -14.44 3.30
C PHE C 216 9.68 -14.05 3.73
N PHE C 217 10.01 -12.78 3.59
CA PHE C 217 11.26 -12.23 4.10
C PHE C 217 11.24 -12.10 5.61
N PHE C 218 12.37 -12.45 6.21
CA PHE C 218 12.67 -12.21 7.62
C PHE C 218 13.97 -12.92 7.99
N LYS C 219 14.62 -12.57 9.09
CA LYS C 219 14.26 -11.54 10.07
C LYS C 219 15.28 -11.74 11.18
N LEU C 220 16.26 -10.84 11.24
CA LEU C 220 17.51 -11.09 12.01
C LEU C 220 17.39 -10.94 13.53
N ILE C 221 17.82 -9.77 14.02
CA ILE C 221 18.07 -9.57 15.43
C ILE C 221 19.51 -9.97 15.70
N GLY C 222 19.94 -11.10 15.12
CA GLY C 222 21.31 -11.61 15.23
C GLY C 222 22.31 -10.91 14.33
N ASP C 223 22.29 -9.58 14.36
CA ASP C 223 23.28 -8.73 13.70
C ASP C 223 23.93 -7.77 14.69
N THR C 224 23.54 -7.89 15.97
CA THR C 224 24.16 -7.09 17.03
C THR C 224 25.65 -7.41 17.16
N PRO C 225 26.53 -6.40 16.86
CA PRO C 225 27.96 -6.51 16.69
C PRO C 225 28.77 -5.90 17.85
N ILE C 226 29.23 -6.77 18.76
CA ILE C 226 30.30 -6.41 19.66
C ILE C 226 31.61 -6.43 18.88
N ASP C 227 31.51 -6.57 17.56
CA ASP C 227 32.67 -6.63 16.67
C ASP C 227 33.49 -5.34 16.66
N ASP D 11 -34.96 -24.03 -3.60
CA ASP D 11 -34.18 -23.59 -2.39
C ASP D 11 -33.22 -22.42 -2.69
N MET D 12 -32.44 -22.52 -3.77
CA MET D 12 -31.65 -21.38 -4.25
C MET D 12 -31.89 -21.14 -5.77
N PRO D 13 -33.14 -20.80 -6.17
CA PRO D 13 -33.56 -20.77 -7.57
C PRO D 13 -33.00 -19.61 -8.40
N VAL D 14 -32.42 -19.93 -9.56
CA VAL D 14 -31.84 -18.94 -10.49
C VAL D 14 -32.82 -17.85 -10.84
N GLU D 15 -34.08 -18.24 -10.95
CA GLU D 15 -35.19 -17.37 -11.33
C GLU D 15 -35.30 -16.17 -10.40
N ARG D 16 -35.09 -16.40 -9.10
CA ARG D 16 -35.09 -15.33 -8.11
C ARG D 16 -33.82 -14.48 -8.18
N ILE D 17 -32.68 -15.14 -8.34
CA ILE D 17 -31.39 -14.47 -8.56
C ILE D 17 -31.48 -13.55 -9.78
N LEU D 18 -32.13 -14.02 -10.84
CA LEU D 18 -32.39 -13.18 -12.02
C LEU D 18 -33.33 -12.01 -11.70
N GLU D 19 -34.38 -12.27 -10.93
CA GLU D 19 -35.31 -11.20 -10.50
C GLU D 19 -34.59 -10.16 -9.62
N ALA D 20 -33.63 -10.62 -8.81
CA ALA D 20 -32.80 -9.74 -7.99
C ALA D 20 -32.00 -8.75 -8.85
N GLU D 21 -31.42 -9.24 -9.95
CA GLU D 21 -30.71 -8.39 -10.92
C GLU D 21 -31.64 -7.43 -11.69
N LEU D 22 -32.77 -7.94 -12.15
CA LEU D 22 -33.69 -7.17 -12.98
C LEU D 22 -34.43 -6.11 -12.19
N ALA D 23 -34.66 -6.38 -10.90
CA ALA D 23 -35.28 -5.43 -9.97
C ALA D 23 -34.46 -4.16 -9.78
N VAL D 24 -33.14 -4.31 -9.76
CA VAL D 24 -32.22 -3.18 -9.59
C VAL D 24 -31.57 -2.80 -10.92
N GLU D 25 -32.10 -3.35 -12.01
CA GLU D 25 -31.54 -3.21 -13.37
C GLU D 25 -31.06 -1.79 -13.77
N PRO D 26 -31.86 -0.74 -13.49
CA PRO D 26 -33.13 -0.69 -12.76
C PRO D 26 -34.36 -0.88 -13.66
N ALA D 50 -22.62 16.19 -5.13
CA ALA D 50 -22.54 15.10 -6.11
C ALA D 50 -22.42 13.71 -5.45
N ALA D 51 -22.73 13.66 -4.15
CA ALA D 51 -22.57 12.47 -3.32
C ALA D 51 -23.71 11.45 -3.37
N ASP D 52 -24.18 11.15 -4.57
CA ASP D 52 -25.02 9.99 -4.80
C ASP D 52 -24.08 8.78 -4.91
N LYS D 53 -24.31 7.78 -4.06
CA LYS D 53 -23.43 6.62 -3.91
C LYS D 53 -24.30 5.40 -3.52
N GLN D 54 -24.65 4.59 -4.52
CA GLN D 54 -25.77 3.62 -4.46
C GLN D 54 -25.58 2.38 -3.60
N LEU D 55 -25.50 2.60 -2.30
CA LEU D 55 -25.65 1.54 -1.30
C LEU D 55 -27.13 1.07 -1.24
N PHE D 56 -28.04 1.91 -1.75
CA PHE D 56 -29.46 1.57 -1.79
C PHE D 56 -29.78 0.40 -2.73
N THR D 57 -29.34 0.50 -3.98
CA THR D 57 -29.61 -0.53 -4.97
C THR D 57 -28.94 -1.83 -4.56
N LEU D 58 -27.74 -1.70 -3.99
CA LEU D 58 -26.95 -2.84 -3.53
C LEU D 58 -27.67 -3.63 -2.44
N VAL D 59 -28.35 -2.91 -1.54
CA VAL D 59 -29.08 -3.52 -0.44
C VAL D 59 -30.41 -4.10 -0.97
N GLU D 60 -31.14 -3.28 -1.74
CA GLU D 60 -32.30 -3.74 -2.49
C GLU D 60 -32.02 -5.08 -3.15
N TRP D 61 -30.84 -5.17 -3.79
CA TRP D 61 -30.45 -6.36 -4.53
C TRP D 61 -30.16 -7.53 -3.60
N ALA D 62 -29.44 -7.27 -2.51
CA ALA D 62 -29.06 -8.33 -1.56
C ALA D 62 -30.28 -8.97 -0.86
N LYS D 63 -31.27 -8.15 -0.54
CA LYS D 63 -32.51 -8.61 0.09
C LYS D 63 -33.35 -9.53 -0.79
N ARG D 64 -33.19 -9.39 -2.11
CA ARG D 64 -33.92 -10.18 -3.08
C ARG D 64 -33.25 -11.52 -3.41
N ILE D 65 -32.05 -11.73 -2.89
CA ILE D 65 -31.27 -12.98 -3.05
C ILE D 65 -31.75 -14.00 -2.01
N PRO D 66 -32.18 -15.20 -2.45
CA PRO D 66 -32.74 -16.13 -1.45
C PRO D 66 -31.81 -16.34 -0.23
N HIS D 67 -32.42 -16.28 0.97
CA HIS D 67 -31.81 -16.66 2.25
C HIS D 67 -30.84 -15.68 2.88
N PHE D 68 -30.63 -14.53 2.23
CA PHE D 68 -29.71 -13.50 2.73
C PHE D 68 -30.29 -12.81 3.97
N SER D 69 -31.53 -12.32 3.86
CA SER D 69 -32.20 -11.63 4.99
C SER D 69 -32.55 -12.56 6.18
N ASP D 70 -32.23 -13.85 6.05
CA ASP D 70 -32.38 -14.81 7.13
C ASP D 70 -31.09 -14.97 7.95
N LEU D 71 -30.06 -14.21 7.59
CA LEU D 71 -28.80 -14.19 8.33
C LEU D 71 -28.86 -13.17 9.47
N THR D 72 -28.13 -13.42 10.55
CA THR D 72 -27.86 -12.41 11.56
C THR D 72 -27.61 -11.06 10.86
N LEU D 73 -28.30 -9.99 11.30
CA LEU D 73 -28.19 -8.67 10.65
C LEU D 73 -26.76 -8.09 10.66
N GLU D 74 -26.00 -8.46 11.68
CA GLU D 74 -24.62 -8.07 11.78
C GLU D 74 -23.79 -8.78 10.69
N ASP D 75 -24.15 -10.03 10.40
CA ASP D 75 -23.47 -10.80 9.35
C ASP D 75 -23.78 -10.30 7.93
N GLN D 76 -25.01 -9.86 7.71
CA GLN D 76 -25.40 -9.19 6.47
C GLN D 76 -24.64 -7.87 6.23
N VAL D 77 -24.34 -7.14 7.30
CA VAL D 77 -23.56 -5.92 7.22
C VAL D 77 -22.10 -6.24 6.88
N ILE D 78 -21.56 -7.27 7.53
CA ILE D 78 -20.18 -7.75 7.28
C ILE D 78 -19.98 -8.18 5.83
N LEU D 79 -21.03 -8.77 5.24
CA LEU D 79 -20.97 -9.23 3.86
C LEU D 79 -21.09 -8.11 2.82
N LEU D 80 -22.01 -7.17 3.03
CA LEU D 80 -22.16 -6.05 2.11
C LEU D 80 -20.95 -5.11 2.14
N ARG D 81 -20.41 -4.86 3.33
CA ARG D 81 -19.16 -4.12 3.45
C ARG D 81 -17.96 -4.85 2.84
N ALA D 82 -17.94 -6.18 2.96
CA ALA D 82 -16.83 -6.92 2.39
C ALA D 82 -16.97 -7.02 0.87
N GLY D 83 -18.18 -7.29 0.37
CA GLY D 83 -18.36 -7.46 -1.07
C GLY D 83 -18.61 -6.19 -1.87
N TRP D 84 -18.98 -5.08 -1.20
CA TRP D 84 -19.43 -3.86 -1.88
C TRP D 84 -18.63 -3.56 -3.13
N ASN D 85 -17.32 -3.44 -2.99
CA ASN D 85 -16.44 -3.03 -4.07
C ASN D 85 -16.41 -3.96 -5.30
N GLU D 86 -16.36 -5.29 -5.07
CA GLU D 86 -16.35 -6.27 -6.16
C GLU D 86 -17.71 -6.39 -6.84
N LEU D 87 -18.77 -6.20 -6.07
CA LEU D 87 -20.15 -6.22 -6.58
C LEU D 87 -20.45 -5.05 -7.53
N LEU D 88 -20.01 -3.84 -7.16
CA LEU D 88 -20.10 -2.67 -8.05
C LEU D 88 -19.32 -2.88 -9.35
N ILE D 89 -18.11 -3.40 -9.21
CA ILE D 89 -17.23 -3.61 -10.36
C ILE D 89 -17.84 -4.63 -11.30
N ALA D 90 -18.35 -5.73 -10.76
CA ALA D 90 -19.05 -6.74 -11.55
C ALA D 90 -20.26 -6.14 -12.27
N SER D 91 -21.08 -5.35 -11.55
CA SER D 91 -22.23 -4.67 -12.16
C SER D 91 -21.84 -3.80 -13.36
N PHE D 92 -20.96 -2.83 -13.14
CA PHE D 92 -20.66 -1.89 -14.21
C PHE D 92 -19.86 -2.49 -15.37
N SER D 93 -19.13 -3.58 -15.11
CA SER D 93 -18.42 -4.34 -16.16
C SER D 93 -19.36 -5.01 -17.15
N HIS D 94 -20.41 -5.62 -16.63
CA HIS D 94 -21.37 -6.34 -17.44
C HIS D 94 -22.27 -5.40 -18.24
N ARG D 95 -22.71 -4.31 -17.62
CA ARG D 95 -23.47 -3.29 -18.35
C ARG D 95 -22.60 -2.56 -19.38
N SER D 96 -21.28 -2.69 -19.24
CA SER D 96 -20.33 -2.12 -20.19
C SER D 96 -20.08 -3.01 -21.41
N VAL D 97 -20.60 -4.23 -21.37
CA VAL D 97 -20.68 -5.10 -22.54
C VAL D 97 -21.57 -4.46 -23.62
N SER D 98 -22.61 -3.74 -23.19
CA SER D 98 -23.55 -3.10 -24.11
C SER D 98 -22.95 -2.07 -25.09
N VAL D 99 -21.75 -1.57 -24.80
CA VAL D 99 -21.16 -0.44 -25.57
C VAL D 99 -19.84 -0.74 -26.32
N GLN D 100 -19.55 0.10 -27.31
CA GLN D 100 -18.38 -0.01 -28.19
C GLN D 100 -17.05 -0.09 -27.43
N ASP D 101 -16.75 0.96 -26.65
CA ASP D 101 -15.62 0.94 -25.71
C ASP D 101 -15.95 1.81 -24.50
N GLY D 102 -15.22 1.59 -23.40
CA GLY D 102 -15.41 2.37 -22.20
C GLY D 102 -16.23 1.68 -21.12
N ILE D 103 -16.52 2.43 -20.07
CA ILE D 103 -17.24 1.92 -18.91
C ILE D 103 -18.46 2.77 -18.65
N LEU D 104 -19.62 2.11 -18.55
CA LEU D 104 -20.87 2.74 -18.16
C LEU D 104 -21.08 2.63 -16.65
N LEU D 105 -21.31 3.77 -16.00
CA LEU D 105 -21.59 3.81 -14.57
C LEU D 105 -23.07 4.06 -14.28
N ALA D 106 -23.48 3.74 -13.06
CA ALA D 106 -24.89 3.77 -12.63
C ALA D 106 -25.62 5.11 -12.85
N THR D 107 -24.86 6.20 -12.83
CA THR D 107 -25.42 7.54 -13.04
C THR D 107 -25.81 7.76 -14.51
N GLY D 108 -25.18 7.00 -15.40
CA GLY D 108 -25.27 7.21 -16.84
C GLY D 108 -23.99 7.85 -17.34
N LEU D 109 -22.98 7.91 -16.46
CA LEU D 109 -21.68 8.49 -16.77
C LEU D 109 -20.81 7.49 -17.54
N HIS D 110 -20.51 7.81 -18.79
CA HIS D 110 -19.71 6.95 -19.65
C HIS D 110 -18.28 7.46 -19.74
N VAL D 111 -17.34 6.65 -19.27
CA VAL D 111 -15.92 7.01 -19.15
C VAL D 111 -15.08 6.19 -20.12
N HIS D 112 -14.21 6.88 -20.85
CA HIS D 112 -13.36 6.24 -21.87
C HIS D 112 -11.90 6.27 -21.46
N ARG D 113 -11.12 5.33 -22.00
CA ARG D 113 -9.69 5.18 -21.72
C ARG D 113 -8.89 6.46 -21.46
N SER D 114 -9.10 7.47 -22.31
CA SER D 114 -8.39 8.76 -22.22
C SER D 114 -8.78 9.62 -21.00
N SER D 115 -10.05 9.58 -20.62
CA SER D 115 -10.56 10.24 -19.41
C SER D 115 -10.01 9.59 -18.13
N ALA D 116 -9.45 8.39 -18.29
CA ALA D 116 -8.85 7.66 -17.18
C ALA D 116 -7.35 7.89 -17.15
N HIS D 117 -6.72 7.89 -18.33
CA HIS D 117 -5.28 8.07 -18.46
C HIS D 117 -4.82 9.44 -17.99
N SER D 118 -5.56 10.48 -18.36
CA SER D 118 -5.30 11.84 -17.85
C SER D 118 -5.94 12.09 -16.48
N ALA D 119 -6.37 11.00 -15.84
CA ALA D 119 -6.81 11.00 -14.44
C ALA D 119 -6.01 9.98 -13.60
N GLY D 120 -4.95 9.43 -14.20
CA GLY D 120 -3.94 8.63 -13.48
C GLY D 120 -4.35 7.23 -13.01
N VAL D 121 -5.46 6.73 -13.55
CA VAL D 121 -5.98 5.40 -13.22
C VAL D 121 -6.27 4.61 -14.50
N GLY D 122 -5.42 4.83 -15.50
CA GLY D 122 -5.57 4.20 -16.81
C GLY D 122 -5.22 2.73 -16.78
N SER D 123 -4.25 2.38 -15.93
CA SER D 123 -3.83 0.99 -15.75
C SER D 123 -5.01 0.14 -15.28
N ILE D 124 -5.57 0.48 -14.12
CA ILE D 124 -6.70 -0.26 -13.56
C ILE D 124 -7.92 -0.26 -14.50
N PHE D 125 -8.15 0.87 -15.18
CA PHE D 125 -9.16 1.00 -16.23
C PHE D 125 -8.98 0.00 -17.36
N ASP D 126 -7.74 -0.14 -17.86
CA ASP D 126 -7.42 -1.12 -18.89
C ASP D 126 -7.64 -2.55 -18.39
N ARG D 127 -7.29 -2.79 -17.14
CA ARG D 127 -7.47 -4.12 -16.54
C ARG D 127 -8.95 -4.48 -16.39
N VAL D 128 -9.80 -3.47 -16.13
CA VAL D 128 -11.24 -3.72 -16.08
C VAL D 128 -11.76 -4.14 -17.45
N LEU D 129 -11.22 -3.51 -18.49
CA LEU D 129 -11.66 -3.77 -19.87
C LEU D 129 -11.19 -5.11 -20.42
N THR D 130 -9.91 -5.40 -20.23
CA THR D 130 -9.35 -6.65 -20.76
C THR D 130 -9.80 -7.84 -19.93
N GLU D 131 -9.70 -7.74 -18.61
CA GLU D 131 -9.97 -8.86 -17.70
C GLU D 131 -11.44 -9.10 -17.41
N LEU D 132 -12.28 -8.08 -17.53
CA LEU D 132 -13.67 -8.27 -17.14
C LEU D 132 -14.66 -8.00 -18.27
N VAL D 133 -14.68 -6.77 -18.80
CA VAL D 133 -15.63 -6.40 -19.87
C VAL D 133 -15.47 -7.27 -21.11
N SER D 134 -14.26 -7.27 -21.68
CA SER D 134 -13.91 -8.11 -22.83
C SER D 134 -14.32 -9.57 -22.73
N LYS D 135 -14.25 -10.13 -21.52
CA LYS D 135 -14.48 -11.55 -21.31
C LYS D 135 -15.97 -11.86 -21.18
N MET D 136 -16.70 -11.01 -20.48
CA MET D 136 -18.15 -11.16 -20.35
C MET D 136 -18.85 -11.12 -21.73
N LYS D 137 -18.30 -10.35 -22.66
CA LYS D 137 -18.88 -10.24 -23.99
C LYS D 137 -18.44 -11.36 -24.94
N ASP D 138 -17.21 -11.84 -24.78
CA ASP D 138 -16.73 -13.02 -25.50
C ASP D 138 -17.68 -14.18 -25.28
N MET D 139 -17.94 -14.50 -24.02
CA MET D 139 -18.76 -15.65 -23.68
C MET D 139 -20.24 -15.33 -23.70
N GLN D 140 -20.56 -14.04 -23.86
CA GLN D 140 -21.95 -13.54 -23.92
C GLN D 140 -22.71 -13.90 -22.64
N MET D 141 -22.08 -13.59 -21.51
CA MET D 141 -22.57 -13.93 -20.19
C MET D 141 -23.85 -13.16 -19.91
N ASP D 142 -24.82 -13.86 -19.33
CA ASP D 142 -26.12 -13.24 -19.08
C ASP D 142 -26.34 -12.81 -17.64
N LYS D 143 -27.52 -12.30 -17.37
CA LYS D 143 -27.90 -11.73 -16.08
C LYS D 143 -28.05 -12.78 -14.97
N SER D 144 -28.45 -13.99 -15.35
CA SER D 144 -28.58 -15.11 -14.41
C SER D 144 -27.21 -15.53 -13.93
N GLU D 145 -26.24 -15.50 -14.85
CA GLU D 145 -24.87 -15.92 -14.59
C GLU D 145 -24.13 -14.86 -13.79
N LEU D 146 -24.32 -13.59 -14.17
CA LEU D 146 -23.81 -12.45 -13.42
C LEU D 146 -24.37 -12.40 -12.00
N GLY D 147 -25.67 -12.51 -11.87
CA GLY D 147 -26.31 -12.55 -10.58
C GLY D 147 -25.77 -13.63 -9.67
N CYS D 148 -25.54 -14.82 -10.22
CA CYS D 148 -25.01 -15.99 -9.49
C CYS D 148 -23.58 -15.73 -9.04
N LEU D 149 -22.75 -15.21 -9.93
CA LEU D 149 -21.41 -14.77 -9.56
C LEU D 149 -21.41 -13.64 -8.52
N ARG D 150 -22.27 -12.65 -8.69
CA ARG D 150 -22.39 -11.59 -7.69
C ARG D 150 -22.84 -12.14 -6.33
N ALA D 151 -23.77 -13.12 -6.36
CA ALA D 151 -24.20 -13.82 -5.15
C ALA D 151 -23.11 -14.69 -4.52
N ILE D 152 -22.28 -15.32 -5.34
CA ILE D 152 -21.10 -16.05 -4.83
C ILE D 152 -20.17 -15.08 -4.12
N VAL D 153 -19.82 -13.99 -4.81
CA VAL D 153 -19.02 -12.92 -4.20
C VAL D 153 -19.62 -12.49 -2.84
N LEU D 154 -20.93 -12.25 -2.83
CA LEU D 154 -21.66 -11.81 -1.63
C LEU D 154 -21.60 -12.79 -0.47
N PHE D 155 -21.89 -14.06 -0.76
CA PHE D 155 -21.82 -15.11 0.25
C PHE D 155 -20.39 -15.55 0.40
N ASN D 156 -19.61 -14.73 1.10
CA ASN D 156 -18.18 -14.95 1.27
C ASN D 156 -17.88 -15.43 2.70
N PRO D 157 -17.56 -16.74 2.85
CA PRO D 157 -17.31 -17.35 4.19
C PRO D 157 -16.03 -16.89 4.90
N ASP D 158 -15.14 -16.21 4.17
CA ASP D 158 -13.83 -15.80 4.65
C ASP D 158 -13.87 -14.37 5.18
N ALA D 159 -15.03 -13.72 5.03
CA ALA D 159 -15.26 -12.36 5.51
C ALA D 159 -15.08 -12.26 7.01
N LYS D 160 -14.13 -11.44 7.44
CA LYS D 160 -13.79 -11.30 8.85
C LYS D 160 -14.97 -10.92 9.75
N GLY D 161 -15.09 -11.63 10.88
CA GLY D 161 -16.02 -11.26 11.95
C GLY D 161 -17.40 -11.89 11.85
N LEU D 162 -17.57 -12.84 10.93
CA LEU D 162 -18.82 -13.60 10.83
C LEU D 162 -19.07 -14.41 12.10
N SER D 163 -20.34 -14.51 12.49
CA SER D 163 -20.72 -15.32 13.64
C SER D 163 -20.85 -16.79 13.24
N ASN D 164 -21.40 -17.03 12.05
CA ASN D 164 -21.42 -18.38 11.51
C ASN D 164 -20.97 -18.41 10.05
N PRO D 165 -19.66 -18.60 9.83
CA PRO D 165 -19.13 -18.79 8.49
C PRO D 165 -19.72 -20.02 7.78
N SER D 166 -20.28 -20.97 8.54
CA SER D 166 -20.90 -22.18 8.02
C SER D 166 -22.20 -21.89 7.28
N GLU D 167 -23.02 -21.01 7.87
CA GLU D 167 -24.25 -20.55 7.23
C GLU D 167 -23.96 -19.89 5.88
N VAL D 168 -22.88 -19.12 5.82
CA VAL D 168 -22.48 -18.45 4.60
C VAL D 168 -21.88 -19.41 3.55
N GLU D 169 -20.90 -20.23 3.94
CA GLU D 169 -20.30 -21.24 3.05
C GLU D 169 -21.36 -22.15 2.41
N THR D 170 -22.40 -22.48 3.20
CA THR D 170 -23.50 -23.31 2.74
C THR D 170 -24.34 -22.61 1.66
N LEU D 171 -24.65 -21.34 1.89
CA LEU D 171 -25.41 -20.56 0.94
C LEU D 171 -24.64 -20.34 -0.35
N ARG D 172 -23.33 -20.13 -0.22
CA ARG D 172 -22.43 -20.09 -1.37
C ARG D 172 -22.48 -21.38 -2.21
N GLU D 173 -22.42 -22.54 -1.56
CA GLU D 173 -22.53 -23.83 -2.26
C GLU D 173 -23.83 -23.98 -3.03
N LYS D 174 -24.90 -23.41 -2.50
CA LYS D 174 -26.21 -23.48 -3.14
C LYS D 174 -26.29 -22.62 -4.40
N VAL D 175 -25.58 -21.50 -4.40
CA VAL D 175 -25.56 -20.61 -5.56
C VAL D 175 -24.81 -21.25 -6.72
N TYR D 176 -23.65 -21.83 -6.42
CA TYR D 176 -22.88 -22.48 -7.49
C TYR D 176 -23.36 -23.87 -7.91
N ALA D 177 -23.97 -24.63 -7.00
CA ALA D 177 -24.77 -25.79 -7.41
C ALA D 177 -25.81 -25.37 -8.46
N THR D 178 -26.67 -24.44 -8.06
CA THR D 178 -27.68 -23.81 -8.91
C THR D 178 -27.13 -23.25 -10.24
N LEU D 179 -25.99 -22.57 -10.18
CA LEU D 179 -25.37 -21.97 -11.35
C LEU D 179 -24.78 -22.99 -12.29
N GLU D 180 -24.19 -24.05 -11.74
CA GLU D 180 -23.64 -25.11 -12.57
C GLU D 180 -24.76 -25.77 -13.35
N ALA D 181 -25.83 -26.12 -12.65
CA ALA D 181 -27.03 -26.70 -13.28
C ALA D 181 -27.54 -25.83 -14.43
N TYR D 182 -27.75 -24.54 -14.16
CA TYR D 182 -28.21 -23.58 -15.18
C TYR D 182 -27.35 -23.67 -16.44
N THR D 183 -26.05 -23.75 -16.23
CA THR D 183 -25.08 -23.77 -17.31
C THR D 183 -25.19 -25.05 -18.13
N LYS D 184 -25.58 -26.16 -17.49
CA LYS D 184 -25.80 -27.40 -18.21
C LYS D 184 -27.14 -27.30 -18.96
N GLN D 185 -28.15 -26.76 -18.28
CA GLN D 185 -29.48 -26.51 -18.88
C GLN D 185 -29.34 -25.62 -20.10
N LYS D 186 -28.82 -24.42 -19.88
CA LYS D 186 -28.86 -23.34 -20.85
C LYS D 186 -27.82 -23.47 -21.97
N TYR D 187 -26.63 -23.95 -21.63
CA TYR D 187 -25.55 -24.08 -22.61
C TYR D 187 -24.94 -25.49 -22.64
N PRO D 188 -25.72 -26.49 -23.10
CA PRO D 188 -25.27 -27.89 -23.09
C PRO D 188 -24.04 -28.15 -23.96
N GLU D 189 -23.83 -27.31 -24.98
CA GLU D 189 -22.68 -27.47 -25.89
C GLU D 189 -21.40 -26.82 -25.35
N GLN D 190 -21.47 -26.28 -24.13
CA GLN D 190 -20.33 -25.60 -23.49
C GLN D 190 -20.00 -26.23 -22.12
N PRO D 191 -19.23 -27.33 -22.13
CA PRO D 191 -18.88 -28.09 -20.92
C PRO D 191 -18.04 -27.33 -19.88
N GLY D 192 -17.11 -26.50 -20.34
CA GLY D 192 -16.24 -25.74 -19.46
C GLY D 192 -16.78 -24.40 -19.01
N ARG D 193 -18.00 -24.05 -19.40
CA ARG D 193 -18.52 -22.70 -19.12
C ARG D 193 -18.70 -22.37 -17.63
N PHE D 194 -19.06 -23.37 -16.84
CA PHE D 194 -19.19 -23.20 -15.40
C PHE D 194 -17.84 -22.81 -14.76
N ALA D 195 -16.80 -23.56 -15.08
CA ALA D 195 -15.44 -23.26 -14.61
C ALA D 195 -14.94 -21.91 -15.13
N LYS D 196 -15.07 -21.68 -16.43
CA LYS D 196 -14.77 -20.39 -17.03
C LYS D 196 -15.39 -19.20 -16.24
N LEU D 197 -16.68 -19.30 -15.90
CA LEU D 197 -17.34 -18.31 -15.03
C LEU D 197 -16.59 -18.13 -13.72
N LEU D 198 -16.37 -19.22 -12.99
CA LEU D 198 -15.76 -19.17 -11.67
C LEU D 198 -14.35 -18.60 -11.70
N LEU D 199 -13.66 -18.74 -12.84
CA LEU D 199 -12.29 -18.29 -13.01
C LEU D 199 -12.11 -16.82 -13.36
N ARG D 200 -13.25 -16.11 -13.45
CA ARG D 200 -13.21 -14.65 -13.59
C ARG D 200 -13.08 -14.02 -12.22
N LEU D 201 -13.35 -14.80 -11.19
CA LEU D 201 -13.43 -14.29 -9.83
C LEU D 201 -12.08 -13.90 -9.18
N PRO D 202 -10.98 -14.63 -9.46
CA PRO D 202 -9.71 -14.07 -8.99
C PRO D 202 -9.36 -12.67 -9.53
N ALA D 203 -9.51 -12.46 -10.84
CA ALA D 203 -9.29 -11.17 -11.50
C ALA D 203 -10.11 -10.04 -10.86
N LEU D 204 -11.38 -10.34 -10.61
CA LEU D 204 -12.33 -9.41 -10.02
C LEU D 204 -11.90 -8.98 -8.63
N ARG D 205 -11.44 -9.96 -7.83
CA ARG D 205 -10.89 -9.74 -6.49
C ARG D 205 -9.63 -8.89 -6.58
N SER D 206 -8.79 -9.23 -7.53
CA SER D 206 -7.56 -8.54 -7.83
C SER D 206 -7.81 -7.05 -8.20
N ILE D 207 -8.74 -6.85 -9.15
CA ILE D 207 -9.19 -5.53 -9.57
C ILE D 207 -9.93 -4.73 -8.46
N GLY D 208 -10.74 -5.43 -7.66
CA GLY D 208 -11.37 -4.83 -6.49
C GLY D 208 -10.35 -4.19 -5.57
N LEU D 209 -9.29 -4.91 -5.26
CA LEU D 209 -8.27 -4.41 -4.36
C LEU D 209 -7.49 -3.21 -4.92
N LYS D 210 -7.19 -3.27 -6.21
CA LYS D 210 -6.52 -2.20 -6.92
C LYS D 210 -7.38 -0.96 -7.07
N CYS D 211 -8.70 -1.13 -7.12
CA CYS D 211 -9.62 0.02 -7.12
C CYS D 211 -9.65 0.75 -5.78
N LEU D 212 -9.26 0.08 -4.71
CA LEU D 212 -8.98 0.75 -3.44
C LEU D 212 -7.76 1.69 -3.51
N GLU D 213 -7.46 2.19 -4.72
CA GLU D 213 -6.67 3.41 -4.93
C GLU D 213 -7.66 4.50 -5.33
N HIS D 214 -8.86 4.39 -4.75
CA HIS D 214 -9.96 5.35 -4.93
C HIS D 214 -10.85 5.04 -6.16
N LEU D 215 -10.38 5.38 -7.37
CA LEU D 215 -11.15 5.07 -8.60
C LEU D 215 -12.59 5.60 -8.46
N PHE D 216 -12.69 6.79 -7.86
CA PHE D 216 -13.91 7.60 -7.88
C PHE D 216 -13.62 8.66 -8.93
N PHE D 217 -14.40 8.60 -10.02
CA PHE D 217 -14.08 9.31 -11.26
C PHE D 217 -14.62 10.71 -11.42
N PHE D 218 -15.04 11.32 -10.31
CA PHE D 218 -15.32 12.75 -10.27
C PHE D 218 -14.61 13.35 -9.07
N LYS D 219 -13.51 14.05 -9.33
CA LYS D 219 -12.58 14.53 -8.31
C LYS D 219 -12.57 16.06 -8.17
N LEU D 220 -13.44 16.57 -7.29
CA LEU D 220 -13.58 17.99 -6.91
C LEU D 220 -13.09 19.09 -7.83
N ILE D 221 -12.24 19.96 -7.28
CA ILE D 221 -11.47 21.00 -7.99
C ILE D 221 -12.24 22.19 -8.55
N GLY D 222 -13.55 22.26 -8.30
CA GLY D 222 -14.31 23.49 -8.52
C GLY D 222 -14.03 24.39 -7.33
N ASP D 223 -13.52 25.60 -7.61
CA ASP D 223 -13.03 26.50 -6.56
C ASP D 223 -13.26 28.00 -6.73
N THR D 224 -13.95 28.57 -5.75
CA THR D 224 -13.69 29.92 -5.29
C THR D 224 -13.19 29.67 -3.87
N PRO D 225 -11.97 30.09 -3.52
CA PRO D 225 -10.91 30.66 -4.37
C PRO D 225 -10.85 32.17 -4.33
N ILE D 226 -12.02 32.82 -4.43
CA ILE D 226 -12.14 34.28 -4.40
C ILE D 226 -13.20 34.76 -3.40
N ASP D 227 -12.80 35.67 -2.52
CA ASP D 227 -13.72 36.26 -1.54
C ASP D 227 -13.03 37.10 -0.49
N THR D 228 -13.42 36.90 0.76
CA THR D 228 -12.87 37.64 1.89
C THR D 228 -12.74 36.75 3.12
#